data_3HWN
#
_entry.id   3HWN
#
_cell.length_a   57.070
_cell.length_b   62.800
_cell.length_c   67.970
_cell.angle_alpha   105.34
_cell.angle_beta   94.04
_cell.angle_gamma   115.26
#
_symmetry.space_group_name_H-M   'P 1'
#
loop_
_entity.id
_entity.type
_entity.pdbx_description
1 polymer 'Cathepsin L1'
2 non-polymer Nalpha-[(3-tert-butyl-1-methyl-1H-pyrazol-5-yl)carbonyl]-N-[(2E)-2-iminoethyl]-3-{5-[(Z)-iminomethyl]-1,3,4-oxadiazol-2-yl}-L-phenylalaninamide
3 water water
#
_entity_poly.entity_id   1
_entity_poly.type   'polypeptide(L)'
_entity_poly.pdbx_seq_one_letter_code
;AMNAFGDMTSEEFRQVMNGFQNRKPRKGKVFQEPLFYEAPRSVDWREKGYVTPVKNQGQCGSCWAFSATGALEGQMFRKT
GRLISLSEQNLVDCSGPQGNEGCNGGLMDYAFQYVQDNGGLDSEESYPYEATEESCKYNPKYSVANDAGFVDIPKQEKAL
MKAVATVGPISVAIDAGHESFLFYKEGIYFEPDCSSEDMDHGVLVVGYGFESTESDNNKYWLVKNSWGEEWGMGGYVKMA
KDRRNHCGIASAASYPTV
;
_entity_poly.pdbx_strand_id   A,B,C,D
#
loop_
_chem_comp.id
_chem_comp.type
_chem_comp.name
_chem_comp.formula
BD3 non-polymer Nalpha-[(3-tert-butyl-1-methyl-1H-pyrazol-5-yl)carbonyl]-N-[(2E)-2-iminoethyl]-3-{5-[(Z)-iminomethyl]-1,3,4-oxadiazol-2-yl}-L-phenylalaninamide 'C23 H28 N8 O3'
#
# COMPACT_ATOMS: atom_id res chain seq x y z
N ALA A 39 17.10 8.20 11.27
CA ALA A 39 15.77 7.62 10.93
C ALA A 39 15.40 6.64 12.01
N PRO A 40 14.15 6.73 12.55
CA PRO A 40 13.63 5.80 13.56
C PRO A 40 13.02 4.49 13.02
N ARG A 41 12.44 3.69 13.93
CA ARG A 41 11.82 2.42 13.55
C ARG A 41 10.47 2.62 12.85
N SER A 42 9.79 3.71 13.17
CA SER A 42 8.55 4.06 12.50
C SER A 42 8.29 5.56 12.50
N VAL A 43 7.66 5.99 11.41
CA VAL A 43 7.32 7.37 11.15
C VAL A 43 5.86 7.44 10.73
N ASP A 44 5.08 8.28 11.38
CA ASP A 44 3.76 8.60 10.91
C ASP A 44 3.66 10.12 10.93
N TRP A 45 3.73 10.72 9.74
CA TRP A 45 3.69 12.18 9.58
C TRP A 45 2.34 12.79 9.81
N ARG A 46 1.32 11.94 9.85
CA ARG A 46 -0.07 12.34 10.15
C ARG A 46 -0.27 12.81 11.60
N GLU A 47 0.34 12.06 12.54
CA GLU A 47 0.35 12.42 13.97
C GLU A 47 1.02 13.76 14.27
N LYS A 48 1.69 14.36 13.28
CA LYS A 48 2.41 15.63 13.48
C LYS A 48 1.86 16.83 12.69
N GLY A 49 0.74 16.65 11.97
CA GLY A 49 0.07 17.77 11.24
C GLY A 49 0.34 17.96 9.75
N TYR A 50 1.30 17.22 9.19
CA TYR A 50 1.76 17.31 7.79
C TYR A 50 0.74 16.89 6.72
N VAL A 51 -0.33 16.20 7.12
CA VAL A 51 -1.18 15.53 6.14
C VAL A 51 -2.66 15.88 6.32
N THR A 52 -3.33 16.11 5.19
CA THR A 52 -4.75 16.40 5.15
C THR A 52 -5.49 15.08 4.90
N PRO A 53 -6.84 15.08 5.03
CA PRO A 53 -7.68 13.95 4.64
C PRO A 53 -7.43 13.37 3.25
N VAL A 54 -7.89 12.14 3.07
CA VAL A 54 -7.80 11.42 1.81
C VAL A 54 -8.89 11.92 0.87
N LYS A 55 -8.53 12.13 -0.40
CA LYS A 55 -9.43 12.68 -1.40
C LYS A 55 -9.67 11.63 -2.46
N ASN A 56 -10.54 11.99 -3.40
CA ASN A 56 -11.01 11.09 -4.43
C ASN A 56 -10.84 11.80 -5.76
N GLN A 57 -10.08 11.19 -6.67
CA GLN A 57 -9.81 11.83 -7.96
C GLN A 57 -10.97 11.78 -8.96
N GLY A 58 -12.09 11.14 -8.61
CA GLY A 58 -13.17 10.91 -9.58
C GLY A 58 -12.77 9.88 -10.64
N GLN A 59 -13.16 10.12 -11.89
CA GLN A 59 -12.71 9.26 -13.00
C GLN A 59 -11.52 9.88 -13.75
N CYS A 60 -11.26 11.18 -13.55
CA CYS A 60 -10.04 11.83 -14.07
C CYS A 60 -8.71 11.12 -13.68
N GLY A 61 -7.80 10.98 -14.65
CA GLY A 61 -6.52 10.32 -14.43
C GLY A 61 -5.46 11.31 -13.99
N SER A 62 -5.69 11.92 -12.84
CA SER A 62 -4.88 13.03 -12.35
C SER A 62 -3.96 12.64 -11.17
N CYS A 63 -3.99 11.38 -10.74
CA CYS A 63 -3.25 10.92 -9.53
C CYS A 63 -1.98 11.72 -9.17
N TRP A 64 -1.33 12.24 -10.22
CA TRP A 64 -0.15 13.09 -10.10
C TRP A 64 -0.43 14.45 -9.44
N ALA A 65 -1.63 15.00 -9.61
CA ALA A 65 -2.02 16.23 -8.93
C ALA A 65 -2.23 15.99 -7.44
N PHE A 66 -2.84 14.86 -7.10
CA PHE A 66 -3.05 14.51 -5.72
C PHE A 66 -1.71 14.21 -5.05
N SER A 67 -1.04 13.15 -5.50
CA SER A 67 0.36 12.90 -5.13
C SER A 67 1.15 14.18 -4.83
N ALA A 68 1.10 15.15 -5.75
CA ALA A 68 1.96 16.33 -5.72
C ALA A 68 1.48 17.40 -4.73
N THR A 69 0.17 17.60 -4.62
CA THR A 69 -0.39 18.47 -3.57
C THR A 69 -0.17 17.93 -2.15
N GLY A 70 -0.09 16.61 -2.00
CA GLY A 70 0.22 16.00 -0.70
C GLY A 70 1.68 16.21 -0.27
N ALA A 71 2.57 16.16 -1.24
CA ALA A 71 3.99 16.36 -0.98
C ALA A 71 4.22 17.82 -0.73
N LEU A 72 3.63 18.67 -1.56
CA LEU A 72 3.68 20.10 -1.29
C LEU A 72 2.98 20.45 0.04
N GLU A 73 1.89 19.76 0.38
CA GLU A 73 1.13 19.98 1.63
C GLU A 73 2.00 19.95 2.89
N GLY A 74 2.76 18.88 3.03
CA GLY A 74 3.61 18.64 4.22
C GLY A 74 4.91 19.44 4.26
N GLN A 75 5.45 19.77 3.07
CA GLN A 75 6.61 20.68 2.97
C GLN A 75 6.23 22.13 3.24
N MET A 76 5.02 22.52 2.85
CA MET A 76 4.49 23.84 3.25
C MET A 76 4.22 23.86 4.73
N PHE A 77 3.70 22.76 5.27
CA PHE A 77 3.54 22.67 6.72
C PHE A 77 4.89 22.82 7.45
N ARG A 78 5.90 22.09 6.97
CA ARG A 78 7.24 22.16 7.49
C ARG A 78 7.67 23.63 7.68
N LYS A 79 7.63 24.43 6.62
CA LYS A 79 8.19 25.80 6.65
C LYS A 79 7.29 26.81 7.39
N THR A 80 5.98 26.70 7.22
CA THR A 80 5.04 27.72 7.74
C THR A 80 4.29 27.29 9.01
N GLY A 81 4.23 25.98 9.27
CA GLY A 81 3.50 25.44 10.42
C GLY A 81 1.97 25.47 10.31
N ARG A 82 1.43 25.87 9.15
CA ARG A 82 -0.01 25.85 8.88
C ARG A 82 -0.27 24.84 7.79
N LEU A 83 -1.18 23.89 8.06
CA LEU A 83 -1.62 22.90 7.05
C LEU A 83 -2.78 23.47 6.25
N ILE A 84 -2.62 23.53 4.93
CA ILE A 84 -3.65 24.03 4.04
C ILE A 84 -3.85 23.16 2.78
N SER A 85 -5.13 22.85 2.48
CA SER A 85 -5.47 22.07 1.30
C SER A 85 -5.23 22.85 0.02
N LEU A 86 -4.59 22.18 -0.94
CA LEU A 86 -4.11 22.82 -2.17
C LEU A 86 -4.93 22.39 -3.36
N SER A 87 -4.82 23.14 -4.45
CA SER A 87 -5.73 22.95 -5.59
C SER A 87 -5.15 21.99 -6.61
N GLU A 88 -5.68 20.78 -6.61
CA GLU A 88 -5.40 19.80 -7.65
C GLU A 88 -5.94 20.20 -9.04
N GLN A 89 -7.01 21.01 -9.09
CA GLN A 89 -7.61 21.47 -10.37
C GLN A 89 -6.64 22.44 -11.03
N ASN A 90 -6.06 23.32 -10.21
CA ASN A 90 -5.04 24.30 -10.65
C ASN A 90 -3.89 23.59 -11.38
N LEU A 91 -3.33 22.57 -10.76
CA LEU A 91 -2.36 21.73 -11.44
C LEU A 91 -2.91 21.14 -12.77
N VAL A 92 -4.13 20.61 -12.76
CA VAL A 92 -4.72 19.94 -13.97
C VAL A 92 -4.96 20.87 -15.17
N ASP A 93 -5.46 22.07 -14.91
CA ASP A 93 -5.81 23.05 -15.96
C ASP A 93 -4.60 23.81 -16.49
N CYS A 94 -3.57 23.96 -15.65
CA CYS A 94 -2.52 24.96 -15.87
C CYS A 94 -1.11 24.39 -16.10
N SER A 95 -0.88 23.12 -15.78
CA SER A 95 0.46 22.53 -15.84
C SER A 95 0.83 21.88 -17.18
N GLY A 96 0.02 22.14 -18.21
CA GLY A 96 0.30 21.75 -19.59
C GLY A 96 1.68 22.17 -20.14
N PRO A 97 2.01 23.46 -20.07
CA PRO A 97 3.31 24.03 -20.43
C PRO A 97 4.54 23.33 -19.83
N GLN A 98 4.37 22.72 -18.66
CA GLN A 98 5.44 21.98 -18.02
C GLN A 98 5.47 20.52 -18.49
N GLY A 99 4.33 20.01 -18.98
CA GLY A 99 4.28 18.70 -19.67
C GLY A 99 3.09 17.80 -19.37
N ASN A 100 2.35 18.12 -18.32
CA ASN A 100 1.22 17.30 -17.89
C ASN A 100 0.01 17.34 -18.82
N GLU A 101 -0.58 16.16 -19.02
CA GLU A 101 -1.66 15.96 -19.97
C GLU A 101 -2.99 15.85 -19.24
N GLY A 102 -3.15 16.62 -18.16
CA GLY A 102 -4.39 16.64 -17.38
C GLY A 102 -4.85 15.23 -17.08
N CYS A 103 -6.13 14.94 -17.34
CA CYS A 103 -6.74 13.65 -17.07
C CYS A 103 -6.15 12.50 -17.90
N ASN A 104 -5.34 12.79 -18.91
CA ASN A 104 -4.63 11.73 -19.63
C ASN A 104 -3.32 11.30 -18.93
N GLY A 105 -2.84 12.15 -18.01
CA GLY A 105 -1.67 11.82 -17.21
C GLY A 105 -0.78 13.01 -16.92
N GLY A 106 0.15 12.79 -16.01
CA GLY A 106 1.08 13.78 -15.58
C GLY A 106 2.20 13.23 -14.72
N LEU A 107 3.12 14.10 -14.35
CA LEU A 107 4.19 13.80 -13.42
C LEU A 107 4.22 14.85 -12.31
N MET A 108 4.36 14.34 -11.09
CA MET A 108 4.65 15.11 -9.89
C MET A 108 5.72 16.17 -10.13
N ASP A 109 6.83 15.74 -10.76
CA ASP A 109 7.97 16.62 -11.04
C ASP A 109 7.57 17.85 -11.85
N TYR A 110 6.81 17.61 -12.90
CA TYR A 110 6.25 18.65 -13.73
C TYR A 110 5.32 19.56 -12.96
N ALA A 111 4.64 19.05 -11.93
CA ALA A 111 3.69 19.89 -11.15
C ALA A 111 4.42 20.89 -10.28
N PHE A 112 5.36 20.39 -9.48
CA PHE A 112 6.21 21.26 -8.67
C PHE A 112 6.79 22.36 -9.58
N GLN A 113 7.32 21.92 -10.73
CA GLN A 113 7.90 22.83 -11.74
C GLN A 113 6.91 23.85 -12.29
N TYR A 114 5.62 23.49 -12.36
CA TYR A 114 4.59 24.49 -12.63
C TYR A 114 4.55 25.56 -11.53
N VAL A 115 4.57 25.10 -10.29
CA VAL A 115 4.38 25.98 -9.14
C VAL A 115 5.51 26.98 -9.14
N GLN A 116 6.74 26.48 -9.24
CA GLN A 116 7.94 27.30 -9.43
C GLN A 116 7.79 28.33 -10.56
N ASP A 117 7.61 27.86 -11.79
CA ASP A 117 7.50 28.74 -12.97
C ASP A 117 6.40 29.77 -12.83
N ASN A 118 5.26 29.37 -12.28
CA ASN A 118 4.09 30.25 -12.21
C ASN A 118 4.10 31.12 -10.95
N GLY A 119 4.92 30.75 -9.98
CA GLY A 119 4.97 31.49 -8.72
C GLY A 119 3.88 31.18 -7.73
N GLY A 120 3.14 30.10 -7.93
CA GLY A 120 2.15 29.73 -6.95
C GLY A 120 1.19 28.60 -7.29
N LEU A 121 0.54 28.12 -6.22
CA LEU A 121 -0.62 27.26 -6.29
C LEU A 121 -1.75 27.90 -5.50
N ASP A 122 -3.00 27.58 -5.86
CA ASP A 122 -4.19 28.07 -5.17
C ASP A 122 -4.62 27.02 -4.17
N SER A 123 -5.33 27.47 -3.12
CA SER A 123 -6.01 26.59 -2.17
C SER A 123 -7.22 25.89 -2.81
N GLU A 124 -7.68 24.81 -2.17
CA GLU A 124 -8.89 24.12 -2.59
C GLU A 124 -10.18 24.90 -2.24
N GLU A 125 -10.12 25.72 -1.20
CA GLU A 125 -11.17 26.72 -0.92
C GLU A 125 -11.48 27.48 -2.21
N SER A 126 -10.45 28.13 -2.75
CA SER A 126 -10.61 29.08 -3.87
C SER A 126 -10.85 28.44 -5.25
N TYR A 127 -10.38 27.20 -5.41
CA TYR A 127 -10.26 26.56 -6.73
C TYR A 127 -10.62 25.09 -6.54
N PRO A 128 -11.93 24.79 -6.45
CA PRO A 128 -12.47 23.45 -6.12
C PRO A 128 -12.34 22.40 -7.24
N TYR A 129 -12.26 21.11 -6.86
CA TYR A 129 -11.95 19.98 -7.78
C TYR A 129 -13.16 19.41 -8.53
N GLU A 130 -13.13 19.48 -9.86
CA GLU A 130 -14.28 19.08 -10.70
C GLU A 130 -14.01 17.84 -11.58
N ALA A 131 -13.00 17.05 -11.23
CA ALA A 131 -12.65 15.86 -11.99
C ALA A 131 -12.65 16.05 -13.52
N THR A 132 -12.34 17.26 -13.99
CA THR A 132 -12.47 17.60 -15.41
C THR A 132 -11.42 18.60 -15.85
N GLU A 133 -10.92 18.45 -17.07
CA GLU A 133 -9.97 19.43 -17.61
C GLU A 133 -10.72 20.62 -18.21
N GLU A 134 -10.32 21.81 -17.79
CA GLU A 134 -10.92 23.06 -18.21
C GLU A 134 -9.80 24.11 -18.33
N SER A 135 -10.16 25.33 -18.73
CA SER A 135 -9.20 26.42 -18.79
C SER A 135 -8.72 26.83 -17.40
N CYS A 136 -7.55 27.46 -17.34
CA CYS A 136 -6.90 27.81 -16.11
C CYS A 136 -7.60 28.99 -15.46
N LYS A 137 -7.88 28.84 -14.17
CA LYS A 137 -8.54 29.90 -13.39
C LYS A 137 -7.66 30.18 -12.19
N TYR A 138 -6.35 30.29 -12.46
CA TYR A 138 -5.40 30.69 -11.44
C TYR A 138 -5.61 32.15 -11.07
N ASN A 139 -5.44 32.45 -9.79
CA ASN A 139 -5.55 33.80 -9.27
C ASN A 139 -4.55 33.91 -8.13
N PRO A 140 -3.49 34.73 -8.30
CA PRO A 140 -2.44 34.85 -7.28
C PRO A 140 -2.97 35.40 -5.96
N LYS A 141 -3.98 36.27 -6.07
CA LYS A 141 -4.68 36.85 -4.92
C LYS A 141 -5.22 35.78 -3.98
N TYR A 142 -5.17 34.51 -4.42
CA TYR A 142 -5.55 33.38 -3.57
C TYR A 142 -4.50 32.26 -3.44
N SER A 143 -3.28 32.49 -3.90
CA SER A 143 -2.23 31.51 -3.72
C SER A 143 -1.74 31.44 -2.27
N VAL A 144 -1.38 30.23 -1.85
CA VAL A 144 -0.94 29.94 -0.47
C VAL A 144 0.29 29.01 -0.38
N ALA A 145 0.65 28.34 -1.48
CA ALA A 145 1.87 27.54 -1.57
C ALA A 145 2.76 28.04 -2.72
N ASN A 146 4.06 27.75 -2.58
CA ASN A 146 5.05 27.95 -3.62
C ASN A 146 6.24 27.02 -3.33
N ASP A 147 7.12 26.86 -4.33
CA ASP A 147 8.39 26.14 -4.15
C ASP A 147 9.46 26.67 -5.11
N ALA A 148 10.70 26.22 -4.93
CA ALA A 148 11.81 26.60 -5.83
C ALA A 148 12.27 25.40 -6.63
N GLY A 149 11.36 24.47 -6.93
CA GLY A 149 11.69 23.28 -7.72
C GLY A 149 11.50 22.03 -6.91
N PHE A 150 12.12 20.94 -7.35
CA PHE A 150 11.98 19.61 -6.69
C PHE A 150 13.33 18.90 -6.54
N VAL A 151 13.28 17.78 -5.82
CA VAL A 151 14.43 16.90 -5.66
C VAL A 151 14.05 15.47 -6.06
N ASP A 152 14.92 14.81 -6.80
CA ASP A 152 14.78 13.39 -7.10
C ASP A 152 15.69 12.52 -6.21
N ILE A 153 15.02 11.83 -5.28
CA ILE A 153 15.68 11.00 -4.32
C ILE A 153 16.37 9.87 -5.08
N PRO A 154 17.66 9.64 -4.81
CA PRO A 154 18.27 8.45 -5.37
C PRO A 154 17.31 7.27 -5.30
N LYS A 155 17.49 6.34 -6.23
CA LYS A 155 16.55 5.25 -6.46
C LYS A 155 16.52 4.16 -5.35
N GLN A 156 17.18 4.36 -4.21
CA GLN A 156 17.28 3.31 -3.20
C GLN A 156 16.29 3.42 -2.03
N GLU A 157 15.75 2.26 -1.63
CA GLU A 157 14.87 2.12 -0.47
C GLU A 157 15.45 2.68 0.84
N LYS A 158 16.76 2.54 1.01
CA LYS A 158 17.49 3.16 2.12
C LYS A 158 17.46 4.68 1.96
N ALA A 159 17.61 5.14 0.73
CA ALA A 159 17.50 6.56 0.45
C ALA A 159 16.04 7.07 0.67
N LEU A 160 15.06 6.27 0.25
CA LEU A 160 13.63 6.61 0.45
C LEU A 160 13.30 6.69 1.95
N MET A 161 13.72 5.69 2.71
CA MET A 161 13.48 5.70 4.15
C MET A 161 13.99 6.99 4.79
N LYS A 162 15.25 7.35 4.50
CA LYS A 162 15.85 8.53 5.12
C LYS A 162 15.17 9.86 4.78
N ALA A 163 14.86 10.10 3.49
CA ALA A 163 14.01 11.23 3.05
C ALA A 163 12.69 11.32 3.80
N VAL A 164 11.96 10.22 3.88
CA VAL A 164 10.69 10.21 4.63
C VAL A 164 11.00 10.58 6.08
N ALA A 165 12.02 9.93 6.63
CA ALA A 165 12.46 10.14 8.02
C ALA A 165 12.79 11.59 8.37
N THR A 166 13.32 12.37 7.43
CA THR A 166 13.74 13.76 7.75
C THR A 166 12.85 14.84 7.15
N VAL A 167 12.44 14.67 5.89
CA VAL A 167 11.83 15.77 5.14
C VAL A 167 10.30 15.98 5.32
N GLY A 168 9.54 14.89 5.30
CA GLY A 168 8.09 14.93 5.41
C GLY A 168 7.59 13.73 4.64
N PRO A 169 6.28 13.72 4.28
CA PRO A 169 5.78 12.84 3.21
C PRO A 169 6.33 13.18 1.84
N ILE A 170 6.50 12.14 1.03
CA ILE A 170 7.16 12.22 -0.30
C ILE A 170 6.23 11.75 -1.44
N SER A 171 6.29 12.42 -2.59
CA SER A 171 5.55 11.94 -3.78
C SER A 171 6.27 10.76 -4.41
N VAL A 172 5.54 9.67 -4.64
CA VAL A 172 6.08 8.50 -5.33
C VAL A 172 5.16 8.00 -6.44
N ALA A 173 5.62 7.00 -7.17
CA ALA A 173 4.84 6.36 -8.22
C ALA A 173 5.01 4.86 -8.11
N ILE A 174 3.91 4.12 -7.96
CA ILE A 174 4.01 2.65 -7.88
C ILE A 174 3.25 1.95 -8.99
N ASP A 175 3.53 0.67 -9.17
CA ASP A 175 2.73 -0.17 -10.07
C ASP A 175 1.43 -0.62 -9.38
N ALA A 176 0.39 0.17 -9.49
CA ALA A 176 -0.95 -0.26 -9.07
C ALA A 176 -1.60 -1.31 -10.01
N GLY A 177 -1.03 -1.51 -11.21
CA GLY A 177 -1.68 -2.23 -12.30
C GLY A 177 -2.04 -3.67 -12.02
N HIS A 178 -2.89 -3.89 -11.03
CA HIS A 178 -3.38 -5.21 -10.68
C HIS A 178 -4.66 -5.02 -9.87
N GLU A 179 -5.64 -5.88 -10.14
CA GLU A 179 -6.90 -5.89 -9.40
C GLU A 179 -6.69 -6.07 -7.88
N SER A 180 -5.63 -6.82 -7.55
CA SER A 180 -5.10 -6.93 -6.20
C SER A 180 -4.98 -5.57 -5.48
N PHE A 181 -4.43 -4.58 -6.16
CA PHE A 181 -4.26 -3.26 -5.56
C PHE A 181 -5.62 -2.57 -5.50
N LEU A 182 -6.39 -2.75 -6.56
CA LEU A 182 -7.72 -2.18 -6.73
C LEU A 182 -8.66 -2.64 -5.60
N PHE A 183 -8.47 -3.88 -5.19
CA PHE A 183 -9.38 -4.58 -4.30
C PHE A 183 -8.80 -4.67 -2.90
N TYR A 184 -7.64 -4.05 -2.71
CA TYR A 184 -6.98 -3.99 -1.42
C TYR A 184 -7.96 -3.47 -0.36
N LYS A 185 -8.05 -4.22 0.74
CA LYS A 185 -8.84 -3.80 1.88
C LYS A 185 -7.88 -3.50 3.03
N GLU A 186 -7.08 -4.49 3.45
CA GLU A 186 -6.03 -4.23 4.44
C GLU A 186 -4.91 -5.29 4.59
N GLY A 187 -3.83 -4.87 5.25
CA GLY A 187 -2.64 -5.69 5.45
C GLY A 187 -1.45 -5.19 4.65
N ILE A 188 -0.35 -5.91 4.72
CA ILE A 188 0.87 -5.54 4.01
C ILE A 188 0.77 -5.93 2.53
N TYR A 189 0.42 -4.98 1.69
CA TYR A 189 0.22 -5.24 0.29
C TYR A 189 1.52 -5.74 -0.36
N PHE A 190 1.45 -6.88 -1.03
CA PHE A 190 2.60 -7.41 -1.77
C PHE A 190 2.08 -8.29 -2.88
N GLU A 191 2.20 -7.82 -4.11
CA GLU A 191 1.73 -8.55 -5.29
C GLU A 191 2.85 -9.36 -6.00
N PRO A 192 2.81 -10.70 -5.88
CA PRO A 192 3.73 -11.65 -6.54
C PRO A 192 4.23 -11.35 -7.95
N ASP A 193 3.44 -10.67 -8.79
CA ASP A 193 3.82 -10.37 -10.18
C ASP A 193 4.05 -8.87 -10.46
N CYS A 194 4.31 -8.08 -9.41
CA CYS A 194 4.41 -6.63 -9.50
C CYS A 194 5.77 -6.22 -10.10
N SER A 195 5.80 -5.16 -10.89
CA SER A 195 7.05 -4.70 -11.50
C SER A 195 7.88 -3.86 -10.52
N SER A 196 9.15 -3.64 -10.86
CA SER A 196 10.00 -2.67 -10.18
C SER A 196 10.40 -1.55 -11.14
N GLU A 197 10.06 -1.69 -12.42
CA GLU A 197 10.55 -0.81 -13.46
C GLU A 197 9.49 0.15 -13.93
N ASP A 198 8.32 -0.38 -14.27
CA ASP A 198 7.21 0.45 -14.74
C ASP A 198 6.20 0.68 -13.63
N MET A 199 5.86 1.94 -13.45
CA MET A 199 5.03 2.41 -12.37
C MET A 199 4.02 3.34 -13.04
N ASP A 200 2.75 3.14 -12.72
CA ASP A 200 1.64 3.70 -13.51
C ASP A 200 0.80 4.71 -12.75
N HIS A 201 1.14 4.92 -11.48
CA HIS A 201 0.22 5.52 -10.56
C HIS A 201 1.02 6.23 -9.48
N GLY A 202 0.72 7.52 -9.29
CA GLY A 202 1.43 8.37 -8.33
C GLY A 202 0.65 8.53 -7.04
N VAL A 203 1.31 8.22 -5.92
CA VAL A 203 0.67 8.21 -4.60
C VAL A 203 1.47 9.06 -3.58
N LEU A 204 1.28 8.83 -2.27
CA LEU A 204 2.05 9.55 -1.25
C LEU A 204 2.51 8.69 -0.03
N VAL A 205 3.82 8.57 0.13
CA VAL A 205 4.40 7.94 1.30
C VAL A 205 4.38 8.96 2.43
N VAL A 206 3.54 8.69 3.44
CA VAL A 206 3.39 9.54 4.60
C VAL A 206 4.14 8.99 5.83
N GLY A 207 4.79 7.84 5.70
CA GLY A 207 5.56 7.26 6.79
C GLY A 207 5.86 5.80 6.52
N TYR A 208 6.42 5.10 7.50
CA TYR A 208 6.61 3.64 7.40
C TYR A 208 6.58 2.97 8.79
N GLY A 209 6.48 1.64 8.82
CA GLY A 209 6.33 0.89 10.08
C GLY A 209 6.73 -0.57 9.96
N PHE A 210 6.44 -1.34 11.02
CA PHE A 210 6.89 -2.75 11.12
C PHE A 210 5.80 -3.70 11.60
N ASN A 218 8.64 -8.39 6.80
CA ASN A 218 7.55 -7.94 7.65
C ASN A 218 7.14 -6.45 7.53
N LYS A 219 8.04 -5.58 7.06
CA LYS A 219 7.90 -4.11 7.27
C LYS A 219 7.18 -3.40 6.13
N TYR A 220 6.64 -2.20 6.40
CA TYR A 220 5.72 -1.56 5.45
C TYR A 220 5.93 -0.05 5.27
N TRP A 221 5.53 0.43 4.08
CA TRP A 221 5.49 1.84 3.73
C TRP A 221 4.05 2.30 3.91
N LEU A 222 3.85 3.48 4.50
CA LEU A 222 2.50 4.02 4.76
C LEU A 222 2.00 4.96 3.64
N VAL A 223 1.12 4.43 2.78
CA VAL A 223 0.82 5.07 1.50
C VAL A 223 -0.63 5.67 1.38
N LYS A 224 -0.71 6.98 1.18
CA LYS A 224 -1.98 7.69 0.94
C LYS A 224 -2.33 7.69 -0.55
N ASN A 225 -3.46 7.08 -0.92
CA ASN A 225 -3.93 7.04 -2.32
C ASN A 225 -4.97 8.13 -2.51
N SER A 226 -5.47 8.30 -3.75
CA SER A 226 -6.49 9.35 -4.04
C SER A 226 -7.80 8.77 -4.57
N TRP A 227 -8.16 7.60 -4.05
CA TRP A 227 -9.38 6.90 -4.45
C TRP A 227 -10.50 6.98 -3.38
N GLY A 228 -10.44 8.01 -2.54
CA GLY A 228 -11.41 8.21 -1.44
C GLY A 228 -11.07 7.37 -0.21
N GLU A 229 -11.64 7.78 0.95
CA GLU A 229 -11.54 7.02 2.22
C GLU A 229 -12.19 5.61 2.16
N GLU A 230 -13.11 5.42 1.22
CA GLU A 230 -13.82 4.14 1.03
C GLU A 230 -12.90 2.99 0.58
N TRP A 231 -11.73 3.32 0.01
CA TRP A 231 -10.79 2.30 -0.53
C TRP A 231 -9.72 1.91 0.48
N GLY A 232 -9.26 0.66 0.43
CA GLY A 232 -8.25 0.16 1.39
C GLY A 232 -8.54 0.57 2.83
N MET A 233 -7.48 0.88 3.57
CA MET A 233 -7.57 1.25 4.99
C MET A 233 -7.78 2.73 5.08
N GLY A 234 -9.02 3.15 5.22
CA GLY A 234 -9.34 4.56 5.31
C GLY A 234 -8.56 5.35 4.26
N GLY A 235 -8.42 4.77 3.06
CA GLY A 235 -7.75 5.42 1.94
C GLY A 235 -6.26 5.15 1.84
N TYR A 236 -5.69 4.56 2.90
CA TYR A 236 -4.28 4.24 3.02
C TYR A 236 -4.00 2.77 2.75
N VAL A 237 -2.77 2.48 2.39
CA VAL A 237 -2.35 1.11 2.10
C VAL A 237 -0.95 0.88 2.59
N LYS A 238 -0.77 -0.14 3.42
CA LYS A 238 0.57 -0.54 3.86
C LYS A 238 1.29 -1.31 2.73
N MET A 239 2.21 -0.65 2.03
CA MET A 239 2.93 -1.31 0.94
C MET A 239 4.19 -1.98 1.49
N ALA A 240 4.52 -3.15 0.94
CA ALA A 240 5.66 -3.90 1.42
C ALA A 240 6.94 -3.08 1.28
N LYS A 241 7.77 -3.12 2.32
CA LYS A 241 8.99 -2.33 2.42
C LYS A 241 10.26 -3.20 2.49
N ASP A 242 11.31 -2.71 1.84
CA ASP A 242 12.62 -3.35 1.84
C ASP A 242 12.54 -4.76 1.28
N ARG A 243 11.93 -4.88 0.11
CA ARG A 243 11.79 -6.16 -0.61
C ARG A 243 11.98 -6.01 -2.12
N ARG A 244 13.24 -5.88 -2.52
CA ARG A 244 13.60 -5.75 -3.93
C ARG A 244 12.77 -4.69 -4.67
N ASN A 245 12.60 -3.54 -4.00
CA ASN A 245 11.93 -2.37 -4.59
C ASN A 245 10.57 -2.82 -5.08
N HIS A 246 9.74 -3.24 -4.13
CA HIS A 246 8.42 -3.73 -4.46
C HIS A 246 7.49 -2.66 -5.06
N CYS A 247 6.97 -2.99 -6.24
CA CYS A 247 6.02 -2.16 -6.99
C CYS A 247 6.64 -0.80 -7.32
N GLY A 248 7.97 -0.79 -7.41
CA GLY A 248 8.73 0.42 -7.78
C GLY A 248 8.60 1.67 -6.92
N ILE A 249 8.13 1.54 -5.69
CA ILE A 249 7.85 2.69 -4.81
C ILE A 249 9.00 3.69 -4.65
N ALA A 250 10.22 3.19 -4.73
CA ALA A 250 11.43 4.01 -4.59
C ALA A 250 11.80 4.61 -5.93
N SER A 251 11.71 3.79 -6.97
CA SER A 251 12.12 4.13 -8.35
C SER A 251 11.89 5.57 -8.85
N ALA A 252 10.93 6.30 -8.27
CA ALA A 252 10.55 7.63 -8.78
C ALA A 252 9.95 8.56 -7.74
N ALA A 253 10.65 8.69 -6.62
CA ALA A 253 10.26 9.50 -5.50
C ALA A 253 10.85 10.88 -5.63
N SER A 254 10.05 11.89 -5.31
CA SER A 254 10.52 13.27 -5.37
C SER A 254 9.73 14.10 -4.40
N TYR A 255 10.13 15.35 -4.20
CA TYR A 255 9.41 16.30 -3.34
C TYR A 255 9.75 17.74 -3.68
N PRO A 256 8.84 18.68 -3.32
CA PRO A 256 9.07 20.08 -3.71
C PRO A 256 10.09 20.76 -2.82
N THR A 257 10.97 21.53 -3.45
CA THR A 257 11.96 22.32 -2.75
C THR A 257 11.28 23.51 -2.05
N VAL A 258 11.15 23.42 -0.72
CA VAL A 258 10.51 24.48 0.08
C VAL A 258 11.35 24.81 1.32
N ALA B 39 21.88 43.42 -7.41
CA ALA B 39 23.23 42.76 -7.38
C ALA B 39 23.65 42.29 -8.77
N PRO B 40 24.97 42.27 -9.06
CA PRO B 40 25.52 41.76 -10.33
C PRO B 40 25.04 40.35 -10.69
N ARG B 41 25.26 39.91 -11.92
CA ARG B 41 24.88 38.53 -12.31
C ARG B 41 25.90 37.54 -11.79
N SER B 42 27.14 38.01 -11.72
CA SER B 42 28.28 37.24 -11.27
C SER B 42 29.18 38.14 -10.42
N VAL B 43 29.83 37.56 -9.42
CA VAL B 43 30.93 38.19 -8.70
C VAL B 43 32.01 37.12 -8.52
N ASP B 44 33.27 37.53 -8.57
CA ASP B 44 34.40 36.61 -8.33
C ASP B 44 35.51 37.46 -7.74
N TRP B 45 35.57 37.49 -6.41
CA TRP B 45 36.62 38.19 -5.68
C TRP B 45 38.03 37.61 -5.83
N ARG B 46 38.17 36.45 -6.46
CA ARG B 46 39.53 35.97 -6.81
C ARG B 46 40.18 36.81 -7.87
N GLU B 47 39.38 37.49 -8.68
N GLU B 47 39.35 37.46 -8.69
CA GLU B 47 39.86 38.34 -9.75
CA GLU B 47 39.77 38.37 -9.74
C GLU B 47 40.29 39.73 -9.25
C GLU B 47 40.32 39.70 -9.22
N LYS B 48 39.83 40.13 -8.06
CA LYS B 48 40.11 41.47 -7.50
C LYS B 48 41.26 41.53 -6.51
N GLY B 49 41.84 40.38 -6.21
CA GLY B 49 42.97 40.29 -5.30
C GLY B 49 42.65 40.06 -3.85
N TYR B 50 41.43 39.63 -3.54
CA TYR B 50 40.92 39.57 -2.13
C TYR B 50 41.15 38.21 -1.47
N VAL B 51 41.68 37.26 -2.22
CA VAL B 51 41.68 35.85 -1.84
C VAL B 51 43.08 35.23 -1.97
N THR B 52 43.49 34.47 -0.95
CA THR B 52 44.77 33.79 -0.94
C THR B 52 44.59 32.39 -1.54
N PRO B 53 45.68 31.70 -1.91
CA PRO B 53 45.49 30.34 -2.45
C PRO B 53 44.70 29.47 -1.48
N VAL B 54 44.27 28.29 -1.94
CA VAL B 54 43.60 27.32 -1.07
C VAL B 54 44.62 26.58 -0.25
N LYS B 55 44.28 26.29 1.01
CA LYS B 55 45.15 25.59 1.95
C LYS B 55 44.52 24.28 2.43
N ASN B 56 45.30 23.52 3.17
CA ASN B 56 44.83 22.24 3.68
C ASN B 56 44.86 22.21 5.21
N GLN B 57 43.73 21.79 5.80
CA GLN B 57 43.60 21.80 7.26
C GLN B 57 44.00 20.45 7.90
N GLY B 58 44.34 19.46 7.08
CA GLY B 58 44.74 18.13 7.55
C GLY B 58 43.57 17.49 8.26
N GLN B 59 43.83 16.52 9.13
CA GLN B 59 42.76 15.85 9.91
C GLN B 59 42.25 16.63 11.11
N CYS B 60 43.01 17.58 11.63
CA CYS B 60 42.49 18.52 12.63
C CYS B 60 41.15 19.11 12.16
N GLY B 61 40.17 19.17 13.05
CA GLY B 61 38.89 19.83 12.75
C GLY B 61 38.91 21.35 12.90
N SER B 62 39.85 22.00 12.22
CA SER B 62 40.05 23.45 12.28
C SER B 62 39.34 24.27 11.15
N CYS B 63 38.41 23.65 10.43
CA CYS B 63 37.68 24.33 9.33
C CYS B 63 37.22 25.73 9.64
N TRP B 64 36.68 25.91 10.84
CA TRP B 64 36.24 27.23 11.31
C TRP B 64 37.32 28.33 11.26
N ALA B 65 38.59 27.95 11.49
CA ALA B 65 39.70 28.90 11.50
C ALA B 65 40.09 29.39 10.12
N PHE B 66 40.05 28.48 9.14
CA PHE B 66 40.37 28.82 7.74
C PHE B 66 39.26 29.66 7.13
N SER B 67 38.03 29.45 7.58
CA SER B 67 36.91 30.25 7.15
C SER B 67 37.07 31.71 7.56
N ALA B 68 37.59 31.90 8.78
CA ALA B 68 37.67 33.20 9.42
C ALA B 68 38.87 33.97 8.90
N THR B 69 39.98 33.27 8.69
CA THR B 69 41.15 33.89 8.05
C THR B 69 40.78 34.26 6.61
N GLY B 70 39.88 33.51 6.00
CA GLY B 70 39.40 33.88 4.67
C GLY B 70 38.76 35.26 4.63
N ALA B 71 37.80 35.49 5.51
CA ALA B 71 37.07 36.75 5.49
C ALA B 71 37.95 37.94 5.83
N LEU B 72 38.72 37.80 6.91
CA LEU B 72 39.58 38.88 7.38
C LEU B 72 40.74 39.16 6.43
N GLU B 73 41.22 38.13 5.74
CA GLU B 73 42.11 38.35 4.60
C GLU B 73 41.44 39.32 3.62
N GLY B 74 40.19 39.01 3.28
CA GLY B 74 39.38 39.77 2.32
C GLY B 74 39.14 41.23 2.68
N GLN B 75 38.87 41.48 3.96
CA GLN B 75 38.53 42.83 4.42
C GLN B 75 39.75 43.70 4.74
N MET B 76 40.88 43.04 5.03
CA MET B 76 42.15 43.73 5.16
C MET B 76 42.66 44.27 3.81
N PHE B 77 42.47 43.49 2.74
CA PHE B 77 42.84 43.91 1.38
C PHE B 77 41.96 45.07 0.88
N ARG B 78 40.68 45.09 1.29
CA ARG B 78 39.78 46.21 1.02
C ARG B 78 40.18 47.44 1.83
N LYS B 79 40.47 47.24 3.11
CA LYS B 79 41.03 48.32 3.94
C LYS B 79 42.36 48.87 3.43
N THR B 80 43.28 47.99 3.04
CA THR B 80 44.70 48.39 2.90
C THR B 80 45.37 48.11 1.54
N GLY B 81 44.68 47.42 0.64
CA GLY B 81 45.25 47.05 -0.67
C GLY B 81 46.31 45.95 -0.64
N ARG B 82 46.70 45.52 0.55
CA ARG B 82 47.70 44.48 0.72
C ARG B 82 47.01 43.20 1.20
N LEU B 83 47.14 42.14 0.39
CA LEU B 83 46.67 40.82 0.75
C LEU B 83 47.74 40.04 1.51
N ILE B 84 47.43 39.67 2.74
CA ILE B 84 48.38 38.98 3.60
C ILE B 84 47.67 37.78 4.25
N SER B 85 48.20 36.59 4.00
CA SER B 85 47.73 35.37 4.58
C SER B 85 47.79 35.43 6.10
N LEU B 86 46.79 34.84 6.76
CA LEU B 86 46.62 34.95 8.20
C LEU B 86 46.69 33.62 8.93
N SER B 87 47.20 33.66 10.17
CA SER B 87 47.55 32.45 10.88
C SER B 87 46.31 31.77 11.40
N GLU B 88 46.04 30.57 10.88
CA GLU B 88 44.95 29.74 11.38
C GLU B 88 45.41 29.02 12.63
N GLN B 89 46.72 28.84 12.80
CA GLN B 89 47.26 28.23 14.01
C GLN B 89 47.02 29.14 15.20
N ASN B 90 47.31 30.42 15.03
CA ASN B 90 47.02 31.44 16.03
C ASN B 90 45.63 31.25 16.60
N LEU B 91 44.64 31.20 15.72
CA LEU B 91 43.25 31.11 16.14
C LEU B 91 42.98 29.85 16.93
N VAL B 92 43.45 28.72 16.40
CA VAL B 92 43.28 27.40 17.03
C VAL B 92 43.89 27.36 18.44
N ASP B 93 45.05 27.97 18.59
CA ASP B 93 45.79 27.97 19.85
C ASP B 93 45.27 28.96 20.87
N CYS B 94 44.61 30.04 20.41
CA CYS B 94 44.45 31.25 21.22
C CYS B 94 43.03 31.74 21.49
N SER B 95 42.06 31.33 20.67
CA SER B 95 40.69 31.87 20.76
C SER B 95 39.79 31.09 21.73
N GLY B 96 40.41 30.31 22.61
CA GLY B 96 39.67 29.52 23.58
C GLY B 96 38.80 30.32 24.52
N PRO B 97 39.29 31.46 25.05
CA PRO B 97 38.54 32.31 25.99
C PRO B 97 37.29 32.94 25.40
N GLN B 98 37.20 32.95 24.08
CA GLN B 98 36.02 33.46 23.37
C GLN B 98 34.94 32.38 23.23
N GLY B 99 35.38 31.14 23.25
CA GLY B 99 34.46 30.03 23.14
C GLY B 99 35.01 28.86 22.35
N ASN B 100 36.04 29.09 21.55
CA ASN B 100 36.51 28.08 20.62
C ASN B 100 37.17 26.89 21.30
N GLU B 101 37.34 25.81 20.54
CA GLU B 101 37.73 24.54 21.12
C GLU B 101 38.78 23.77 20.30
N GLY B 102 39.58 24.53 19.54
CA GLY B 102 40.72 23.97 18.83
C GLY B 102 40.37 23.09 17.66
N CYS B 103 40.89 21.86 17.64
CA CYS B 103 40.60 20.93 16.56
C CYS B 103 39.27 20.26 16.78
N ASN B 104 38.78 20.33 18.01
CA ASN B 104 37.49 19.77 18.33
C ASN B 104 36.40 20.74 17.87
N GLY B 105 36.79 21.90 17.32
CA GLY B 105 35.87 22.79 16.59
C GLY B 105 35.80 24.22 17.12
N GLY B 106 35.05 25.07 16.41
CA GLY B 106 34.74 26.42 16.89
C GLY B 106 33.85 27.21 15.93
N LEU B 107 33.66 28.51 16.21
CA LEU B 107 32.87 29.41 15.37
C LEU B 107 33.68 30.59 14.84
N MET B 108 33.49 30.89 13.55
CA MET B 108 34.12 32.03 12.87
C MET B 108 33.95 33.32 13.62
N ASP B 109 32.76 33.52 14.18
CA ASP B 109 32.46 34.76 14.87
C ASP B 109 33.29 34.87 16.14
N TYR B 110 33.44 33.74 16.84
CA TYR B 110 34.28 33.65 18.04
C TYR B 110 35.73 33.91 17.67
N ALA B 111 36.07 33.67 16.41
CA ALA B 111 37.40 34.02 15.89
C ALA B 111 37.58 35.55 15.78
N PHE B 112 36.66 36.20 15.08
CA PHE B 112 36.72 37.65 14.84
C PHE B 112 36.61 38.41 16.16
N GLN B 113 35.88 37.84 17.10
CA GLN B 113 35.82 38.33 18.47
C GLN B 113 37.19 38.26 19.18
N TYR B 114 37.94 37.19 18.94
CA TYR B 114 39.26 37.02 19.56
C TYR B 114 40.27 38.04 19.04
N VAL B 115 40.27 38.28 17.74
CA VAL B 115 41.08 39.30 17.11
C VAL B 115 40.62 40.72 17.55
N GLN B 116 39.35 40.93 17.87
CA GLN B 116 38.93 42.22 18.48
C GLN B 116 39.42 42.36 19.93
N ASP B 117 39.31 41.26 20.69
CA ASP B 117 39.83 41.21 22.06
C ASP B 117 41.36 41.24 22.07
N ASN B 118 41.98 40.50 21.15
CA ASN B 118 43.44 40.30 21.11
C ASN B 118 44.21 41.54 20.63
N GLY B 119 43.50 42.54 20.13
CA GLY B 119 44.16 43.69 19.52
C GLY B 119 44.98 43.34 18.30
N GLY B 120 44.77 42.17 17.71
CA GLY B 120 45.55 41.75 16.54
C GLY B 120 45.49 40.27 16.18
N LEU B 121 45.93 39.96 14.96
CA LEU B 121 46.11 38.56 14.51
C LEU B 121 47.41 38.42 13.69
N ASP B 122 48.23 37.44 14.05
CA ASP B 122 49.49 37.12 13.35
C ASP B 122 49.34 36.63 11.92
N SER B 123 50.41 36.77 11.17
CA SER B 123 50.49 36.28 9.78
C SER B 123 50.73 34.79 9.73
N GLU B 124 50.27 34.13 8.67
CA GLU B 124 50.61 32.73 8.49
C GLU B 124 52.14 32.56 8.57
N GLU B 125 52.87 33.41 7.83
CA GLU B 125 54.34 33.35 7.68
C GLU B 125 55.08 33.09 9.02
N SER B 126 54.76 33.90 10.02
CA SER B 126 55.43 33.85 11.32
C SER B 126 54.76 32.93 12.34
N TYR B 127 53.60 32.36 12.01
CA TYR B 127 52.88 31.49 12.93
C TYR B 127 52.26 30.34 12.14
N PRO B 128 53.11 29.52 11.49
CA PRO B 128 52.62 28.62 10.44
C PRO B 128 51.70 27.56 11.01
N TYR B 129 50.79 27.08 10.19
CA TYR B 129 49.79 26.11 10.60
C TYR B 129 50.46 24.78 10.85
N GLU B 130 50.01 24.08 11.90
CA GLU B 130 50.67 22.86 12.32
C GLU B 130 49.71 21.69 12.54
N ALA B 131 48.45 21.87 12.13
CA ALA B 131 47.37 20.87 12.32
C ALA B 131 47.34 20.23 13.71
N THR B 132 47.69 21.03 14.71
CA THR B 132 47.68 20.56 16.10
C THR B 132 47.36 21.74 17.02
N GLU B 133 46.71 21.46 18.13
CA GLU B 133 46.42 22.51 19.09
C GLU B 133 47.52 22.54 20.14
N GLU B 134 48.23 23.67 20.17
CA GLU B 134 49.33 23.91 21.11
C GLU B 134 49.14 25.25 21.85
N SER B 135 50.05 25.57 22.77
CA SER B 135 49.88 26.77 23.59
C SER B 135 49.99 28.02 22.73
N CYS B 136 49.32 29.08 23.17
CA CYS B 136 49.26 30.31 22.42
C CYS B 136 50.63 30.98 22.42
N LYS B 137 51.10 31.36 21.23
CA LYS B 137 52.44 31.94 21.04
C LYS B 137 52.34 33.20 20.19
N TYR B 138 51.19 33.86 20.27
CA TYR B 138 50.92 35.12 19.61
C TYR B 138 51.98 36.19 19.96
N ASN B 139 52.54 36.83 18.94
CA ASN B 139 53.49 37.95 19.11
C ASN B 139 52.98 39.18 18.37
N PRO B 140 52.60 40.23 19.10
CA PRO B 140 51.99 41.32 18.37
C PRO B 140 52.92 42.04 17.39
N LYS B 141 54.23 41.85 17.50
CA LYS B 141 55.18 42.44 16.54
C LYS B 141 54.79 42.03 15.11
N TYR B 142 54.61 40.71 14.89
CA TYR B 142 54.17 40.17 13.58
C TYR B 142 52.65 40.18 13.33
N SER B 143 51.91 41.00 14.06
CA SER B 143 50.49 41.18 13.81
C SER B 143 50.31 41.99 12.54
N VAL B 144 49.39 41.54 11.70
CA VAL B 144 49.16 42.14 10.40
C VAL B 144 47.68 42.55 10.18
N ALA B 145 46.81 42.27 11.15
CA ALA B 145 45.39 42.57 10.97
C ALA B 145 44.63 42.82 12.27
N ASN B 146 43.41 43.31 12.10
N ASN B 146 43.41 43.31 12.14
CA ASN B 146 42.53 43.72 13.20
CA ASN B 146 42.50 43.38 13.28
C ASN B 146 41.07 43.54 12.75
C ASN B 146 41.08 43.52 12.77
N ASP B 147 40.15 43.61 13.70
CA ASP B 147 38.75 43.80 13.39
C ASP B 147 38.11 44.44 14.60
N ALA B 148 37.07 45.22 14.34
CA ALA B 148 36.33 45.91 15.37
C ALA B 148 35.08 45.13 15.76
N GLY B 149 35.12 43.80 15.62
CA GLY B 149 33.93 42.96 15.84
C GLY B 149 33.44 42.31 14.55
N PHE B 150 32.14 41.97 14.49
CA PHE B 150 31.56 41.20 13.36
C PHE B 150 30.06 41.50 13.07
N VAL B 151 29.58 41.04 11.92
CA VAL B 151 28.16 41.15 11.52
C VAL B 151 27.67 39.76 11.12
N ASP B 152 26.51 39.34 11.64
CA ASP B 152 25.85 38.08 11.27
C ASP B 152 24.83 38.40 10.19
N ILE B 153 24.86 37.68 9.07
CA ILE B 153 23.96 37.98 7.95
C ILE B 153 22.62 37.23 8.10
N PRO B 154 21.48 37.95 7.91
CA PRO B 154 20.13 37.35 7.94
C PRO B 154 20.00 36.03 7.19
N LYS B 155 19.09 35.18 7.68
CA LYS B 155 19.01 33.79 7.24
C LYS B 155 18.30 33.66 5.85
N GLN B 156 18.84 34.37 4.87
CA GLN B 156 18.32 34.44 3.51
C GLN B 156 19.46 34.30 2.50
N GLU B 157 19.23 33.58 1.41
CA GLU B 157 20.18 33.53 0.31
C GLU B 157 20.32 34.84 -0.43
N LYS B 158 19.24 35.64 -0.45
CA LYS B 158 19.29 36.98 -1.06
C LYS B 158 20.23 37.92 -0.31
N ALA B 159 20.12 37.90 1.02
CA ALA B 159 20.93 38.76 1.88
C ALA B 159 22.42 38.41 1.76
N LEU B 160 22.70 37.11 1.68
CA LEU B 160 24.03 36.58 1.42
C LEU B 160 24.62 37.10 0.10
N MET B 161 23.82 37.05 -0.96
CA MET B 161 24.26 37.55 -2.27
C MET B 161 24.65 39.01 -2.23
N LYS B 162 23.79 39.82 -1.64
CA LYS B 162 24.05 41.24 -1.58
C LYS B 162 25.27 41.52 -0.70
N ALA B 163 25.31 40.91 0.48
CA ALA B 163 26.51 40.95 1.32
C ALA B 163 27.76 40.61 0.52
N VAL B 164 27.71 39.51 -0.22
CA VAL B 164 28.85 39.07 -1.02
C VAL B 164 29.30 40.12 -2.06
N ALA B 165 28.36 40.79 -2.71
CA ALA B 165 28.71 41.77 -3.75
C ALA B 165 29.05 43.17 -3.21
N THR B 166 28.56 43.48 -2.01
CA THR B 166 28.77 44.79 -1.41
C THR B 166 29.93 44.82 -0.42
N VAL B 167 30.27 43.66 0.16
CA VAL B 167 31.26 43.63 1.23
C VAL B 167 32.51 42.90 0.83
N GLY B 168 32.37 41.69 0.30
CA GLY B 168 33.53 40.85 -0.02
C GLY B 168 33.26 39.42 0.32
N PRO B 169 34.31 38.57 0.33
CA PRO B 169 34.28 37.19 0.83
C PRO B 169 33.63 37.03 2.20
N ILE B 170 32.74 36.04 2.32
CA ILE B 170 31.87 35.87 3.48
C ILE B 170 32.00 34.46 4.06
N SER B 171 32.22 34.38 5.38
CA SER B 171 32.27 33.09 6.10
C SER B 171 30.85 32.55 6.24
N VAL B 172 30.73 31.24 6.06
CA VAL B 172 29.44 30.53 6.10
C VAL B 172 29.66 29.10 6.57
N ALA B 173 28.63 28.51 7.17
CA ALA B 173 28.64 27.11 7.57
C ALA B 173 27.76 26.30 6.59
N ILE B 174 28.28 25.15 6.12
CA ILE B 174 27.53 24.26 5.24
C ILE B 174 27.47 22.83 5.78
N ASP B 175 26.54 22.06 5.22
CA ASP B 175 26.45 20.62 5.45
C ASP B 175 27.30 19.92 4.39
N ALA B 176 28.42 19.35 4.82
CA ALA B 176 29.31 18.59 3.95
C ALA B 176 29.34 17.15 4.41
N GLY B 177 28.23 16.70 4.97
CA GLY B 177 28.16 15.42 5.66
C GLY B 177 27.79 14.25 4.75
N HIS B 178 28.47 14.15 3.60
CA HIS B 178 28.17 13.08 2.64
C HIS B 178 29.34 12.71 1.75
N GLU B 179 29.34 11.46 1.32
CA GLU B 179 30.29 10.91 0.37
C GLU B 179 30.35 11.76 -0.89
N SER B 180 29.23 12.36 -1.25
CA SER B 180 29.12 13.22 -2.43
C SER B 180 30.09 14.39 -2.40
N PHE B 181 30.13 15.11 -1.25
CA PHE B 181 30.95 16.31 -1.06
C PHE B 181 32.42 15.92 -1.06
N LEU B 182 32.75 14.87 -0.30
CA LEU B 182 34.06 14.25 -0.41
C LEU B 182 34.49 14.15 -1.88
N PHE B 183 33.62 13.60 -2.72
CA PHE B 183 34.04 13.17 -4.06
C PHE B 183 33.94 14.23 -5.16
N TYR B 184 33.45 15.41 -4.82
CA TYR B 184 33.14 16.44 -5.81
C TYR B 184 34.33 16.79 -6.72
N LYS B 185 34.18 16.56 -8.03
CA LYS B 185 35.16 17.01 -9.04
C LYS B 185 34.74 18.33 -9.66
N GLU B 186 33.51 18.37 -10.19
CA GLU B 186 32.98 19.58 -10.80
C GLU B 186 31.45 19.57 -10.96
N GLY B 187 30.93 20.74 -11.33
CA GLY B 187 29.52 20.91 -11.66
C GLY B 187 28.92 21.90 -10.68
N ILE B 188 27.66 21.71 -10.35
CA ILE B 188 27.11 22.43 -9.28
C ILE B 188 26.59 21.42 -8.26
N TYR B 189 27.18 21.48 -7.07
CA TYR B 189 26.84 20.57 -6.01
C TYR B 189 25.40 20.81 -5.59
N PHE B 190 24.56 19.82 -5.88
CA PHE B 190 23.24 19.71 -5.25
C PHE B 190 23.13 18.29 -4.77
N GLU B 191 23.04 18.11 -3.45
CA GLU B 191 22.85 16.80 -2.85
C GLU B 191 21.45 16.72 -2.18
N PRO B 192 20.59 15.79 -2.65
CA PRO B 192 19.23 15.56 -2.09
C PRO B 192 19.09 15.45 -0.58
N ASP B 193 20.08 14.91 0.12
CA ASP B 193 19.98 14.68 1.58
C ASP B 193 20.62 15.77 2.43
N CYS B 194 20.95 16.92 1.83
CA CYS B 194 21.67 17.97 2.54
C CYS B 194 20.79 18.53 3.63
N SER B 195 21.34 19.40 4.48
CA SER B 195 20.51 20.01 5.52
C SER B 195 20.73 21.52 5.62
N SER B 196 19.81 22.18 6.30
CA SER B 196 19.79 23.63 6.41
C SER B 196 19.98 24.06 7.86
N GLU B 197 20.03 23.09 8.77
CA GLU B 197 20.05 23.36 10.21
C GLU B 197 21.23 22.66 10.93
N ASP B 198 21.61 21.46 10.49
CA ASP B 198 22.84 20.82 10.97
C ASP B 198 23.95 21.15 9.98
N MET B 199 24.54 22.33 10.14
CA MET B 199 25.70 22.76 9.34
C MET B 199 27.00 22.40 10.01
N ASP B 200 27.82 21.62 9.32
CA ASP B 200 28.99 21.00 9.96
C ASP B 200 30.37 21.55 9.53
N HIS B 201 30.42 22.31 8.43
CA HIS B 201 31.71 22.76 7.84
C HIS B 201 31.76 24.25 7.55
N GLY B 202 32.70 24.93 8.21
CA GLY B 202 33.03 26.30 7.87
C GLY B 202 33.82 26.38 6.57
N VAL B 203 33.33 27.24 5.67
CA VAL B 203 33.95 27.51 4.36
C VAL B 203 33.87 28.98 4.05
N LEU B 204 34.28 29.36 2.83
CA LEU B 204 34.27 30.76 2.39
C LEU B 204 33.69 30.97 0.98
N VAL B 205 32.73 31.89 0.90
CA VAL B 205 32.08 32.27 -0.35
C VAL B 205 32.83 33.47 -0.95
N VAL B 206 33.33 33.28 -2.16
CA VAL B 206 34.23 34.21 -2.85
C VAL B 206 33.58 34.77 -4.11
N GLY B 207 32.26 34.59 -4.22
CA GLY B 207 31.54 34.94 -5.43
C GLY B 207 30.41 33.96 -5.75
N TYR B 208 29.90 34.11 -6.97
CA TYR B 208 28.66 33.44 -7.40
C TYR B 208 28.46 33.68 -8.90
N GLY B 209 27.67 32.83 -9.56
CA GLY B 209 27.36 32.98 -10.97
C GLY B 209 26.39 31.93 -11.48
N PHE B 210 26.45 31.67 -12.78
CA PHE B 210 25.66 30.64 -13.46
C PHE B 210 26.49 29.97 -14.56
N GLU B 211 26.03 28.81 -15.05
CA GLU B 211 26.78 28.04 -16.04
C GLU B 211 26.06 27.93 -17.38
N ASN B 217 18.46 30.69 -13.69
CA ASN B 217 18.31 29.25 -13.81
C ASN B 217 19.47 28.45 -13.14
N ASN B 218 20.63 28.36 -13.78
CA ASN B 218 21.64 27.33 -13.40
C ASN B 218 22.77 27.89 -12.48
N LYS B 219 22.33 28.43 -11.35
CA LYS B 219 23.07 29.42 -10.58
C LYS B 219 23.87 28.79 -9.44
N TYR B 220 24.90 29.49 -8.97
CA TYR B 220 25.75 28.96 -7.89
C TYR B 220 26.42 29.98 -7.00
N TRP B 221 26.97 29.47 -5.91
CA TRP B 221 27.91 30.20 -5.08
C TRP B 221 29.32 29.65 -5.32
N LEU B 222 30.32 30.54 -5.43
CA LEU B 222 31.70 30.10 -5.52
C LEU B 222 32.24 29.96 -4.10
N VAL B 223 32.42 28.72 -3.65
CA VAL B 223 32.93 28.51 -2.29
C VAL B 223 34.36 27.99 -2.29
N LYS B 224 35.12 28.47 -1.32
CA LYS B 224 36.51 28.09 -1.07
C LYS B 224 36.58 27.13 0.13
N ASN B 225 37.26 26.01 -0.05
CA ASN B 225 37.35 25.01 1.02
C ASN B 225 38.80 24.92 1.53
N SER B 226 39.01 24.23 2.63
CA SER B 226 40.35 24.14 3.19
C SER B 226 40.87 22.69 3.27
N TRP B 227 40.75 21.95 2.15
CA TRP B 227 41.21 20.55 2.05
C TRP B 227 42.24 20.38 0.92
N GLY B 228 43.13 21.37 0.76
CA GLY B 228 44.12 21.33 -0.29
C GLY B 228 43.50 21.28 -1.67
N GLU B 229 44.24 21.78 -2.65
CA GLU B 229 43.72 21.99 -3.99
C GLU B 229 43.42 20.68 -4.77
N GLU B 230 43.85 19.53 -4.23
CA GLU B 230 43.58 18.22 -4.87
C GLU B 230 42.11 17.77 -4.69
N TRP B 231 41.43 18.37 -3.73
CA TRP B 231 39.99 18.18 -3.65
C TRP B 231 39.30 19.17 -4.59
N GLY B 232 38.22 18.71 -5.20
CA GLY B 232 37.32 19.59 -5.94
C GLY B 232 37.99 20.24 -7.13
N MET B 233 37.58 21.47 -7.40
CA MET B 233 38.08 22.21 -8.55
C MET B 233 39.05 23.29 -8.05
N GLY B 234 40.34 22.98 -8.13
CA GLY B 234 41.38 23.82 -7.52
C GLY B 234 41.17 24.01 -6.01
N GLY B 235 40.41 23.11 -5.40
CA GLY B 235 40.04 23.27 -3.99
C GLY B 235 38.73 24.02 -3.78
N TYR B 236 38.12 24.43 -4.90
CA TYR B 236 36.85 25.16 -4.86
C TYR B 236 35.71 24.20 -5.14
N VAL B 237 34.49 24.74 -5.03
CA VAL B 237 33.26 23.98 -5.16
C VAL B 237 32.15 24.94 -5.53
N LYS B 238 31.36 24.62 -6.56
CA LYS B 238 30.20 25.45 -6.90
C LYS B 238 29.01 24.85 -6.15
N MET B 239 28.20 25.71 -5.49
CA MET B 239 27.22 25.26 -4.51
C MET B 239 25.81 25.72 -4.89
N ALA B 240 24.89 24.78 -5.13
CA ALA B 240 23.51 25.14 -5.47
C ALA B 240 23.03 26.51 -4.89
N LYS B 241 22.79 27.49 -5.76
CA LYS B 241 22.29 28.81 -5.37
C LYS B 241 20.82 29.05 -5.74
N ASP B 242 20.12 29.72 -4.84
CA ASP B 242 18.69 30.08 -4.96
C ASP B 242 17.71 28.89 -5.01
N ARG B 243 18.00 27.90 -4.17
CA ARG B 243 17.16 26.73 -4.06
C ARG B 243 16.84 26.36 -2.60
N ARG B 244 16.37 27.37 -1.87
CA ARG B 244 15.91 27.21 -0.48
C ARG B 244 17.09 27.02 0.46
N ASN B 245 18.16 27.78 0.24
CA ASN B 245 19.30 27.70 1.14
C ASN B 245 19.75 26.25 1.22
N HIS B 246 20.11 25.72 0.05
CA HIS B 246 20.67 24.38 -0.09
C HIS B 246 21.92 24.23 0.78
N CYS B 247 22.02 23.09 1.47
CA CYS B 247 23.09 22.81 2.41
C CYS B 247 23.27 23.90 3.51
N GLY B 248 22.26 24.77 3.68
CA GLY B 248 22.26 25.83 4.71
C GLY B 248 23.37 26.86 4.59
N ILE B 249 23.73 27.18 3.36
CA ILE B 249 24.88 28.03 3.08
C ILE B 249 24.66 29.45 3.61
N ALA B 250 23.41 29.85 3.72
CA ALA B 250 23.06 31.14 4.29
C ALA B 250 22.37 31.05 5.68
N SER B 251 22.56 29.94 6.41
CA SER B 251 22.08 29.81 7.79
C SER B 251 22.99 30.48 8.86
N ALA B 252 24.31 30.39 8.71
CA ALA B 252 25.23 31.03 9.66
C ALA B 252 26.32 31.86 8.97
N ALA B 253 25.90 32.83 8.16
CA ALA B 253 26.86 33.64 7.42
C ALA B 253 27.29 34.87 8.24
N SER B 254 28.58 35.22 8.14
CA SER B 254 29.10 36.41 8.82
C SER B 254 30.41 36.91 8.17
N TYR B 255 30.81 38.11 8.57
CA TYR B 255 32.09 38.70 8.15
C TYR B 255 32.59 39.73 9.19
N PRO B 256 33.92 39.95 9.28
CA PRO B 256 34.44 40.90 10.27
C PRO B 256 34.24 42.39 9.90
N THR B 257 34.07 43.22 10.93
CA THR B 257 34.07 44.67 10.81
C THR B 257 35.51 45.18 11.00
N VAL B 258 36.21 45.33 9.86
CA VAL B 258 37.56 45.88 9.81
C VAL B 258 37.44 47.38 9.58
N ALA C 39 -43.68 -16.70 -3.71
CA ALA C 39 -42.22 -16.89 -3.66
C ALA C 39 -41.73 -16.71 -2.23
N PRO C 40 -40.72 -17.50 -1.81
CA PRO C 40 -39.95 -17.28 -0.58
C PRO C 40 -39.40 -15.86 -0.46
N ARG C 41 -39.16 -15.41 0.78
CA ARG C 41 -38.52 -14.10 1.00
C ARG C 41 -37.00 -14.17 1.07
N SER C 42 -36.44 -15.39 0.99
CA SER C 42 -35.00 -15.60 0.89
C SER C 42 -34.65 -16.95 0.21
N VAL C 43 -33.59 -16.91 -0.59
CA VAL C 43 -33.05 -18.09 -1.27
C VAL C 43 -31.53 -17.98 -1.37
N ASP C 44 -30.84 -19.09 -1.16
CA ASP C 44 -29.39 -19.17 -1.37
C ASP C 44 -29.00 -20.57 -1.80
N TRP C 45 -28.76 -20.76 -3.09
CA TRP C 45 -28.36 -22.07 -3.64
C TRP C 45 -26.96 -22.54 -3.21
N ARG C 46 -26.19 -21.69 -2.54
CA ARG C 46 -24.89 -22.10 -2.00
C ARG C 46 -25.13 -23.09 -0.86
N GLU C 47 -26.00 -22.71 0.07
CA GLU C 47 -26.46 -23.57 1.17
C GLU C 47 -26.92 -24.94 0.70
N LYS C 48 -27.49 -24.97 -0.51
CA LYS C 48 -28.05 -26.18 -1.09
C LYS C 48 -27.03 -26.93 -1.98
N GLY C 49 -25.82 -26.39 -2.11
CA GLY C 49 -24.69 -27.07 -2.74
C GLY C 49 -24.56 -27.03 -4.25
N TYR C 50 -25.17 -26.02 -4.88
CA TYR C 50 -25.24 -25.89 -6.36
C TYR C 50 -24.10 -25.01 -6.93
N VAL C 51 -23.27 -24.45 -6.07
CA VAL C 51 -22.39 -23.37 -6.50
C VAL C 51 -20.93 -23.82 -6.46
N THR C 52 -20.18 -23.52 -7.53
CA THR C 52 -18.74 -23.68 -7.54
C THR C 52 -18.15 -22.56 -6.74
N PRO C 53 -16.96 -22.78 -6.12
CA PRO C 53 -16.27 -21.61 -5.55
C PRO C 53 -15.93 -20.56 -6.62
N VAL C 54 -15.67 -19.32 -6.19
CA VAL C 54 -15.54 -18.17 -7.11
C VAL C 54 -14.23 -18.19 -7.88
N LYS C 55 -14.31 -17.87 -9.17
CA LYS C 55 -13.17 -17.97 -10.09
C LYS C 55 -12.78 -16.62 -10.68
N ASN C 56 -11.70 -16.60 -11.45
CA ASN C 56 -11.15 -15.35 -11.95
C ASN C 56 -11.00 -15.38 -13.44
N GLN C 57 -11.74 -14.49 -14.11
CA GLN C 57 -11.74 -14.39 -15.55
C GLN C 57 -10.46 -13.74 -16.10
N GLY C 58 -9.66 -13.13 -15.21
CA GLY C 58 -8.47 -12.36 -15.62
C GLY C 58 -8.88 -11.11 -16.35
N GLN C 59 -8.01 -10.61 -17.23
CA GLN C 59 -8.33 -9.38 -17.98
C GLN C 59 -8.90 -9.70 -19.39
N CYS C 60 -9.23 -10.98 -19.60
CA CYS C 60 -10.04 -11.40 -20.75
C CYS C 60 -11.52 -11.07 -20.56
N GLY C 61 -12.21 -10.81 -21.69
CA GLY C 61 -13.63 -10.45 -21.65
C GLY C 61 -14.55 -11.66 -21.72
N SER C 62 -14.34 -12.62 -20.83
CA SER C 62 -15.05 -13.90 -20.93
C SER C 62 -16.12 -14.09 -19.85
N CYS C 63 -16.49 -13.01 -19.17
CA CYS C 63 -17.55 -13.01 -18.14
C CYS C 63 -18.78 -13.83 -18.52
N TRP C 64 -19.23 -13.67 -19.77
CA TRP C 64 -20.33 -14.47 -20.32
C TRP C 64 -20.12 -15.99 -20.21
N ALA C 65 -18.86 -16.45 -20.17
CA ALA C 65 -18.54 -17.90 -20.04
C ALA C 65 -18.49 -18.35 -18.59
N PHE C 66 -18.27 -17.41 -17.69
CA PHE C 66 -18.23 -17.71 -16.25
C PHE C 66 -19.64 -17.75 -15.64
N SER C 67 -20.55 -16.93 -16.15
CA SER C 67 -21.99 -16.96 -15.82
C SER C 67 -22.72 -18.19 -16.39
N ALA C 68 -22.28 -18.64 -17.55
CA ALA C 68 -22.92 -19.75 -18.24
C ALA C 68 -22.62 -21.07 -17.56
N THR C 69 -21.36 -21.29 -17.21
CA THR C 69 -21.02 -22.57 -16.58
C THR C 69 -21.61 -22.65 -15.17
N GLY C 70 -21.77 -21.48 -14.54
CA GLY C 70 -22.34 -21.36 -13.21
C GLY C 70 -23.79 -21.77 -13.21
N ALA C 71 -24.48 -21.43 -14.27
CA ALA C 71 -25.84 -21.87 -14.49
C ALA C 71 -25.89 -23.39 -14.80
N LEU C 72 -25.06 -23.87 -15.70
CA LEU C 72 -25.04 -25.31 -16.00
C LEU C 72 -24.64 -26.18 -14.80
N GLU C 73 -23.61 -25.76 -14.08
CA GLU C 73 -23.17 -26.39 -12.83
C GLU C 73 -24.27 -26.59 -11.80
N GLY C 74 -25.35 -25.81 -11.87
CA GLY C 74 -26.51 -26.00 -11.02
C GLY C 74 -27.39 -27.11 -11.59
N GLN C 75 -27.86 -26.88 -12.80
CA GLN C 75 -28.79 -27.78 -13.45
C GLN C 75 -28.26 -29.21 -13.64
N MET C 76 -26.95 -29.36 -13.88
CA MET C 76 -26.35 -30.69 -13.84
C MET C 76 -26.38 -31.25 -12.42
N PHE C 77 -26.09 -30.40 -11.43
CA PHE C 77 -26.16 -30.79 -10.02
C PHE C 77 -27.59 -31.09 -9.57
N ARG C 78 -28.53 -30.32 -10.10
CA ARG C 78 -29.96 -30.58 -9.91
C ARG C 78 -30.32 -31.97 -10.44
N LYS C 79 -29.69 -32.33 -11.55
CA LYS C 79 -29.98 -33.54 -12.29
C LYS C 79 -29.24 -34.76 -11.72
N THR C 80 -28.03 -34.54 -11.21
CA THR C 80 -27.16 -35.63 -10.74
C THR C 80 -26.75 -35.58 -9.28
N GLY C 81 -26.75 -34.39 -8.67
CA GLY C 81 -26.27 -34.24 -7.29
C GLY C 81 -24.75 -34.26 -7.17
N ARG C 82 -24.07 -34.11 -8.30
CA ARG C 82 -22.62 -33.99 -8.31
C ARG C 82 -22.27 -32.69 -8.99
N LEU C 83 -21.80 -31.75 -8.20
CA LEU C 83 -21.36 -30.47 -8.71
C LEU C 83 -20.00 -30.73 -9.29
N ILE C 84 -19.84 -30.49 -10.60
CA ILE C 84 -18.53 -30.49 -11.24
C ILE C 84 -18.25 -29.11 -11.85
N SER C 85 -17.13 -28.49 -11.47
CA SER C 85 -16.72 -27.24 -12.12
C SER C 85 -16.43 -27.48 -13.61
N LEU C 86 -16.86 -26.54 -14.45
CA LEU C 86 -16.88 -26.70 -15.92
C LEU C 86 -16.04 -25.67 -16.66
N SER C 87 -15.52 -26.05 -17.83
CA SER C 87 -14.52 -25.26 -18.55
C SER C 87 -15.02 -24.00 -19.23
N GLU C 88 -14.64 -22.86 -18.68
CA GLU C 88 -14.93 -21.58 -19.32
C GLU C 88 -14.06 -21.35 -20.56
N GLN C 89 -12.87 -21.94 -20.57
CA GLN C 89 -11.95 -21.87 -21.71
C GLN C 89 -12.46 -22.67 -22.93
N ASN C 90 -13.13 -23.81 -22.70
CA ASN C 90 -13.83 -24.58 -23.77
C ASN C 90 -14.84 -23.69 -24.53
N LEU C 91 -15.64 -22.96 -23.75
CA LEU C 91 -16.58 -21.97 -24.28
C LEU C 91 -15.87 -20.87 -25.05
N VAL C 92 -14.85 -20.29 -24.44
CA VAL C 92 -14.07 -19.21 -25.08
C VAL C 92 -13.55 -19.67 -26.44
N ASP C 93 -12.92 -20.83 -26.45
CA ASP C 93 -12.23 -21.31 -27.64
C ASP C 93 -13.16 -21.88 -28.69
N CYS C 94 -14.34 -22.42 -28.30
CA CYS C 94 -15.16 -23.21 -29.22
C CYS C 94 -16.53 -22.64 -29.60
N SER C 95 -17.15 -21.83 -28.76
CA SER C 95 -18.54 -21.39 -29.03
C SER C 95 -18.70 -20.37 -30.18
N GLY C 96 -17.58 -19.99 -30.81
CA GLY C 96 -17.56 -19.04 -31.96
C GLY C 96 -18.62 -19.10 -33.04
N PRO C 97 -18.86 -20.26 -33.62
CA PRO C 97 -19.99 -20.45 -34.55
C PRO C 97 -21.42 -20.33 -33.93
N GLN C 98 -21.56 -20.16 -32.62
CA GLN C 98 -22.83 -19.79 -32.00
C GLN C 98 -23.02 -18.26 -32.00
N GLY C 99 -21.94 -17.55 -32.33
CA GLY C 99 -21.94 -16.09 -32.32
C GLY C 99 -21.10 -15.49 -31.20
N ASN C 100 -20.44 -16.32 -30.40
CA ASN C 100 -19.62 -15.83 -29.28
C ASN C 100 -18.24 -15.41 -29.78
N GLU C 101 -17.67 -14.38 -29.15
CA GLU C 101 -16.41 -13.80 -29.60
C GLU C 101 -15.38 -13.84 -28.50
N GLY C 102 -15.13 -15.05 -27.98
CA GLY C 102 -14.04 -15.30 -27.04
C GLY C 102 -13.77 -14.21 -26.01
N CYS C 103 -12.60 -13.57 -26.11
CA CYS C 103 -12.15 -12.57 -25.12
C CYS C 103 -12.76 -11.15 -25.30
N ASN C 104 -13.48 -10.94 -26.40
CA ASN C 104 -13.97 -9.62 -26.74
C ASN C 104 -15.46 -9.45 -26.50
N GLY C 105 -16.16 -10.55 -26.21
CA GLY C 105 -17.60 -10.48 -25.95
C GLY C 105 -18.25 -11.83 -26.12
N GLY C 106 -19.51 -11.93 -25.72
CA GLY C 106 -20.30 -13.14 -25.95
C GLY C 106 -21.57 -13.19 -25.13
N LEU C 107 -22.53 -14.00 -25.57
CA LEU C 107 -23.79 -14.15 -24.86
C LEU C 107 -23.91 -15.52 -24.20
N MET C 108 -24.43 -15.57 -22.97
CA MET C 108 -24.53 -16.83 -22.23
C MET C 108 -25.37 -17.84 -22.99
N ASP C 109 -26.52 -17.35 -23.50
CA ASP C 109 -27.42 -18.13 -24.36
C ASP C 109 -26.71 -18.81 -25.51
N TYR C 110 -25.91 -18.04 -26.22
CA TYR C 110 -25.05 -18.62 -27.27
C TYR C 110 -24.17 -19.74 -26.69
N ALA C 111 -23.68 -19.58 -25.45
CA ALA C 111 -22.90 -20.65 -24.76
C ALA C 111 -23.69 -21.93 -24.51
N PHE C 112 -24.94 -21.79 -24.07
CA PHE C 112 -25.78 -22.97 -23.86
C PHE C 112 -26.01 -23.62 -25.21
N GLN C 113 -26.36 -22.77 -26.20
CA GLN C 113 -26.65 -23.21 -27.56
C GLN C 113 -25.54 -24.14 -28.05
N TYR C 114 -24.29 -23.87 -27.64
CA TYR C 114 -23.11 -24.61 -28.10
C TYR C 114 -23.06 -26.01 -27.52
N VAL C 115 -23.11 -26.13 -26.21
CA VAL C 115 -23.09 -27.44 -25.52
C VAL C 115 -24.19 -28.39 -26.07
N GLN C 116 -25.25 -27.76 -26.56
CA GLN C 116 -26.35 -28.45 -27.22
C GLN C 116 -25.95 -28.81 -28.65
N ASP C 117 -25.51 -27.81 -29.42
CA ASP C 117 -25.06 -28.03 -30.79
C ASP C 117 -23.91 -29.03 -30.83
N ASN C 118 -23.02 -28.90 -29.85
CA ASN C 118 -21.80 -29.69 -29.73
C ASN C 118 -21.99 -31.00 -28.99
N GLY C 119 -23.04 -31.09 -28.15
CA GLY C 119 -23.33 -32.33 -27.41
C GLY C 119 -22.49 -32.56 -26.14
N GLY C 120 -22.00 -31.48 -25.56
CA GLY C 120 -21.15 -31.58 -24.39
C GLY C 120 -20.26 -30.38 -24.09
N LEU C 121 -19.88 -30.28 -22.81
CA LEU C 121 -18.88 -29.32 -22.36
C LEU C 121 -17.91 -30.10 -21.47
N ASP C 122 -16.62 -29.89 -21.69
CA ASP C 122 -15.56 -30.47 -20.85
C ASP C 122 -15.58 -29.91 -19.42
N SER C 123 -14.96 -30.65 -18.51
CA SER C 123 -14.69 -30.20 -17.14
C SER C 123 -13.54 -29.20 -17.10
N GLU C 124 -13.61 -28.27 -16.16
CA GLU C 124 -12.51 -27.32 -15.87
C GLU C 124 -11.14 -28.03 -15.77
N GLU C 125 -11.06 -29.02 -14.90
CA GLU C 125 -9.85 -29.84 -14.77
C GLU C 125 -9.26 -30.21 -16.14
N SER C 126 -10.08 -30.83 -16.99
CA SER C 126 -9.65 -31.32 -18.31
C SER C 126 -9.32 -30.24 -19.37
N TYR C 127 -9.99 -29.08 -19.27
CA TYR C 127 -9.76 -27.97 -20.20
C TYR C 127 -9.60 -26.70 -19.34
N PRO C 128 -8.44 -26.54 -18.67
CA PRO C 128 -8.26 -25.40 -17.75
C PRO C 128 -8.29 -24.02 -18.42
N TYR C 129 -8.27 -22.98 -17.57
CA TYR C 129 -8.52 -21.63 -18.03
C TYR C 129 -7.26 -20.77 -18.19
N GLU C 130 -7.08 -20.22 -19.38
CA GLU C 130 -5.90 -19.45 -19.77
C GLU C 130 -6.09 -17.91 -19.85
N ALA C 131 -7.33 -17.44 -19.73
CA ALA C 131 -7.67 -16.02 -19.95
C ALA C 131 -7.22 -15.47 -21.31
N THR C 132 -6.85 -16.39 -22.21
CA THR C 132 -6.48 -16.05 -23.58
C THR C 132 -7.38 -16.90 -24.46
N GLU C 133 -7.55 -16.50 -25.73
CA GLU C 133 -8.29 -17.32 -26.68
C GLU C 133 -7.34 -18.03 -27.60
N GLU C 134 -7.56 -19.34 -27.75
CA GLU C 134 -6.82 -20.18 -28.68
C GLU C 134 -7.82 -21.05 -29.51
N SER C 135 -7.39 -22.23 -29.95
CA SER C 135 -8.25 -23.09 -30.77
C SER C 135 -9.12 -24.04 -29.92
N CYS C 136 -10.05 -24.72 -30.58
CA CYS C 136 -10.92 -25.69 -29.91
C CYS C 136 -10.15 -26.97 -29.58
N LYS C 137 -10.01 -27.26 -28.29
CA LYS C 137 -9.32 -28.48 -27.89
C LYS C 137 -10.31 -29.44 -27.22
N TYR C 138 -11.59 -29.24 -27.52
CA TYR C 138 -12.65 -30.05 -26.96
C TYR C 138 -12.39 -31.57 -27.13
N ASN C 139 -12.66 -32.33 -26.06
CA ASN C 139 -12.37 -33.74 -25.99
C ASN C 139 -13.58 -34.54 -25.42
N PRO C 140 -14.25 -35.36 -26.27
CA PRO C 140 -15.53 -35.93 -25.84
C PRO C 140 -15.44 -37.01 -24.75
N LYS C 141 -14.22 -37.38 -24.37
CA LYS C 141 -14.03 -38.31 -23.25
C LYS C 141 -14.26 -37.60 -21.92
N TYR C 142 -13.98 -36.30 -21.87
CA TYR C 142 -14.05 -35.55 -20.61
C TYR C 142 -15.14 -34.47 -20.61
N SER C 143 -16.31 -34.80 -21.14
CA SER C 143 -17.47 -33.91 -21.06
C SER C 143 -18.35 -34.33 -19.88
N VAL C 144 -18.78 -33.36 -19.10
CA VAL C 144 -19.61 -33.63 -17.94
C VAL C 144 -20.87 -32.73 -17.85
N ALA C 145 -21.21 -32.03 -18.94
CA ALA C 145 -22.55 -31.44 -19.02
C ALA C 145 -23.11 -31.51 -20.43
N ASN C 146 -24.34 -31.04 -20.56
CA ASN C 146 -25.09 -31.05 -21.82
C ASN C 146 -26.42 -30.37 -21.60
N ASP C 147 -27.09 -29.96 -22.68
CA ASP C 147 -28.42 -29.32 -22.55
C ASP C 147 -29.26 -29.35 -23.82
N ALA C 148 -30.57 -29.50 -23.64
CA ALA C 148 -31.56 -29.33 -24.70
C ALA C 148 -31.52 -27.92 -25.27
N GLY C 149 -31.06 -26.96 -24.45
CA GLY C 149 -31.06 -25.54 -24.81
C GLY C 149 -31.22 -24.65 -23.59
N PHE C 150 -32.24 -23.79 -23.62
CA PHE C 150 -32.39 -22.77 -22.59
C PHE C 150 -33.74 -22.07 -22.65
N VAL C 151 -34.00 -21.27 -21.63
CA VAL C 151 -35.21 -20.44 -21.51
C VAL C 151 -34.77 -18.99 -21.29
N ASP C 152 -35.54 -18.04 -21.82
CA ASP C 152 -35.29 -16.61 -21.55
C ASP C 152 -36.34 -16.05 -20.59
N ILE C 153 -35.91 -15.55 -19.43
CA ILE C 153 -36.83 -15.08 -18.39
C ILE C 153 -37.39 -13.71 -18.79
N PRO C 154 -38.72 -13.57 -18.84
CA PRO C 154 -39.24 -12.27 -19.25
C PRO C 154 -38.62 -11.12 -18.43
N LYS C 155 -38.55 -9.94 -19.04
CA LYS C 155 -37.92 -8.75 -18.44
C LYS C 155 -38.63 -8.28 -17.17
N GLN C 156 -38.92 -9.21 -16.25
CA GLN C 156 -39.55 -8.86 -14.98
C GLN C 156 -38.75 -9.37 -13.80
N GLU C 157 -38.41 -8.48 -12.87
CA GLU C 157 -37.75 -8.86 -11.61
C GLU C 157 -38.59 -9.87 -10.84
N LYS C 158 -39.91 -9.80 -11.01
CA LYS C 158 -40.84 -10.73 -10.35
C LYS C 158 -40.75 -12.12 -10.98
N ALA C 159 -40.59 -12.15 -12.29
CA ALA C 159 -40.30 -13.38 -13.04
C ALA C 159 -38.91 -13.91 -12.70
N LEU C 160 -37.94 -13.02 -12.49
CA LEU C 160 -36.59 -13.49 -12.11
C LEU C 160 -36.61 -14.12 -10.71
N MET C 161 -37.42 -13.53 -9.81
CA MET C 161 -37.68 -14.15 -8.51
C MET C 161 -38.25 -15.58 -8.62
N LYS C 162 -39.40 -15.79 -9.26
CA LYS C 162 -39.97 -17.14 -9.32
C LYS C 162 -38.96 -18.12 -9.92
N ALA C 163 -38.27 -17.68 -10.96
CA ALA C 163 -37.21 -18.46 -11.61
C ALA C 163 -36.05 -18.78 -10.68
N VAL C 164 -35.56 -17.77 -9.97
CA VAL C 164 -34.51 -18.00 -8.98
C VAL C 164 -35.00 -18.96 -7.87
N ALA C 165 -36.22 -18.74 -7.39
CA ALA C 165 -36.75 -19.56 -6.30
C ALA C 165 -36.98 -21.04 -6.68
N THR C 166 -37.27 -21.29 -7.96
CA THR C 166 -37.75 -22.61 -8.41
C THR C 166 -36.80 -23.37 -9.34
N VAL C 167 -35.83 -22.69 -9.94
CA VAL C 167 -35.00 -23.35 -10.92
C VAL C 167 -33.57 -23.50 -10.47
N GLY C 168 -33.06 -22.51 -9.77
CA GLY C 168 -31.66 -22.52 -9.36
C GLY C 168 -31.00 -21.24 -9.77
N PRO C 169 -29.66 -21.24 -9.76
CA PRO C 169 -28.87 -20.07 -10.11
C PRO C 169 -29.08 -19.60 -11.57
N ILE C 170 -29.50 -18.34 -11.73
CA ILE C 170 -29.88 -17.76 -13.00
C ILE C 170 -28.78 -16.84 -13.56
N SER C 171 -28.39 -17.06 -14.80
CA SER C 171 -27.41 -16.20 -15.51
C SER C 171 -28.06 -14.86 -15.83
N VAL C 172 -27.36 -13.77 -15.56
CA VAL C 172 -27.93 -12.42 -15.72
C VAL C 172 -26.90 -11.41 -16.20
N ALA C 173 -27.36 -10.34 -16.83
CA ALA C 173 -26.49 -9.26 -17.27
C ALA C 173 -26.78 -8.02 -16.43
N ILE C 174 -25.76 -7.19 -16.24
CA ILE C 174 -25.83 -6.01 -15.38
C ILE C 174 -24.97 -4.85 -15.90
N ASP C 175 -25.34 -3.63 -15.56
CA ASP C 175 -24.49 -2.47 -15.84
C ASP C 175 -23.37 -2.46 -14.79
N ALA C 176 -22.14 -2.70 -15.24
CA ALA C 176 -20.97 -2.70 -14.36
C ALA C 176 -19.92 -1.60 -14.68
N GLY C 177 -20.23 -0.71 -15.64
CA GLY C 177 -19.31 0.37 -16.04
C GLY C 177 -19.26 1.58 -15.10
N HIS C 178 -19.10 1.34 -13.80
CA HIS C 178 -19.02 2.42 -12.84
C HIS C 178 -17.99 2.08 -11.74
N GLU C 179 -17.10 3.04 -11.48
CA GLU C 179 -16.06 2.93 -10.44
C GLU C 179 -16.59 2.51 -9.06
N SER C 180 -17.83 2.89 -8.76
CA SER C 180 -18.51 2.39 -7.57
C SER C 180 -18.45 0.88 -7.53
N PHE C 181 -18.74 0.26 -8.68
CA PHE C 181 -18.71 -1.20 -8.82
C PHE C 181 -17.32 -1.80 -8.61
N LEU C 182 -16.28 -1.23 -9.23
CA LEU C 182 -14.89 -1.71 -9.06
C LEU C 182 -14.47 -1.82 -7.60
N PHE C 183 -15.01 -0.93 -6.78
CA PHE C 183 -14.67 -0.86 -5.34
C PHE C 183 -15.69 -1.54 -4.45
N TYR C 184 -16.75 -2.12 -5.01
CA TYR C 184 -17.81 -2.65 -4.16
C TYR C 184 -17.19 -3.62 -3.15
N LYS C 185 -17.50 -3.38 -1.87
CA LYS C 185 -16.86 -4.08 -0.78
C LYS C 185 -17.91 -4.77 0.11
N GLU C 186 -18.87 -4.01 0.65
CA GLU C 186 -20.04 -4.59 1.34
C GLU C 186 -21.32 -3.70 1.36
N GLY C 187 -22.38 -4.28 1.94
CA GLY C 187 -23.70 -3.66 2.03
C GLY C 187 -24.56 -4.10 0.87
N ILE C 188 -25.51 -3.27 0.50
CA ILE C 188 -26.34 -3.54 -0.66
C ILE C 188 -25.98 -2.50 -1.67
N TYR C 189 -25.68 -2.95 -2.89
CA TYR C 189 -25.11 -2.11 -3.92
C TYR C 189 -26.19 -1.38 -4.71
N PHE C 190 -26.20 -0.06 -4.58
CA PHE C 190 -27.05 0.76 -5.43
C PHE C 190 -26.21 1.83 -6.12
N GLU C 191 -26.21 1.78 -7.45
CA GLU C 191 -25.59 2.80 -8.28
C GLU C 191 -26.67 3.63 -9.01
N PRO C 192 -26.88 4.89 -8.54
CA PRO C 192 -27.80 5.84 -9.17
C PRO C 192 -27.61 6.07 -10.66
N ASP C 193 -26.40 5.87 -11.16
CA ASP C 193 -26.05 6.20 -12.54
C ASP C 193 -26.27 5.01 -13.52
N CYS C 194 -26.98 3.95 -13.08
CA CYS C 194 -27.10 2.70 -13.85
C CYS C 194 -28.19 2.64 -14.93
N SER C 195 -27.89 1.98 -16.04
CA SER C 195 -28.87 1.67 -17.09
C SER C 195 -29.45 0.26 -16.98
N SER C 196 -30.77 0.18 -17.15
CA SER C 196 -31.50 -1.10 -17.25
C SER C 196 -31.62 -1.61 -18.70
N GLU C 197 -30.91 -0.97 -19.64
CA GLU C 197 -31.09 -1.21 -21.08
C GLU C 197 -29.84 -1.83 -21.69
N ASP C 198 -28.71 -1.18 -21.51
CA ASP C 198 -27.44 -1.67 -22.02
C ASP C 198 -26.61 -2.27 -20.88
N MET C 199 -26.59 -3.60 -20.83
CA MET C 199 -25.82 -4.34 -19.84
C MET C 199 -24.58 -4.89 -20.51
N ASP C 200 -23.47 -4.83 -19.78
CA ASP C 200 -22.15 -5.13 -20.33
C ASP C 200 -21.41 -6.25 -19.59
N HIS C 201 -21.96 -6.73 -18.48
CA HIS C 201 -21.25 -7.71 -17.65
C HIS C 201 -22.18 -8.83 -17.15
N GLY C 202 -21.89 -10.06 -17.54
CA GLY C 202 -22.69 -11.22 -17.17
C GLY C 202 -22.22 -11.96 -15.94
N VAL C 203 -23.18 -12.36 -15.14
CA VAL C 203 -22.91 -12.87 -13.80
C VAL C 203 -24.02 -13.87 -13.43
N LEU C 204 -24.07 -14.25 -12.18
CA LEU C 204 -24.94 -15.32 -11.77
C LEU C 204 -25.68 -14.91 -10.50
N VAL C 205 -27.02 -15.00 -10.55
CA VAL C 205 -27.87 -14.75 -9.40
C VAL C 205 -28.08 -16.10 -8.73
N VAL C 206 -27.42 -16.29 -7.59
CA VAL C 206 -27.47 -17.55 -6.85
C VAL C 206 -28.49 -17.49 -5.73
N GLY C 207 -29.20 -16.35 -5.62
CA GLY C 207 -30.20 -16.15 -4.59
C GLY C 207 -30.61 -14.70 -4.37
N TYR C 208 -31.43 -14.49 -3.35
CA TYR C 208 -31.82 -13.16 -2.89
C TYR C 208 -32.16 -13.23 -1.41
N GLY C 209 -32.39 -12.07 -0.80
CA GLY C 209 -32.76 -11.96 0.61
C GLY C 209 -32.94 -10.50 1.01
N PHE C 210 -32.78 -10.20 2.29
CA PHE C 210 -32.93 -8.82 2.78
C PHE C 210 -32.06 -8.62 4.01
N GLU C 211 -31.79 -7.35 4.30
CA GLU C 211 -31.36 -6.90 5.60
C GLU C 211 -31.65 -5.41 5.78
N SER C 212 -31.85 -4.98 7.01
CA SER C 212 -32.25 -3.61 7.33
C SER C 212 -31.14 -2.59 7.05
N THR C 213 -31.51 -1.48 6.40
CA THR C 213 -30.57 -0.39 6.12
C THR C 213 -31.14 0.98 6.49
N GLU C 214 -30.36 2.03 6.28
CA GLU C 214 -30.76 3.43 6.49
C GLU C 214 -31.99 3.83 5.69
N SER C 215 -31.96 3.54 4.40
CA SER C 215 -32.96 4.02 3.45
C SER C 215 -34.18 3.10 3.28
N ASP C 216 -34.14 1.93 3.92
CA ASP C 216 -35.22 0.93 3.84
C ASP C 216 -35.32 0.30 2.45
N ASN C 217 -34.26 0.48 1.67
CA ASN C 217 -34.08 -0.30 0.49
C ASN C 217 -33.21 -1.49 0.93
N ASN C 218 -33.87 -2.55 1.36
CA ASN C 218 -33.19 -3.64 2.06
C ASN C 218 -33.28 -5.05 1.47
N LYS C 219 -33.79 -5.17 0.25
CA LYS C 219 -33.81 -6.46 -0.43
C LYS C 219 -32.62 -6.52 -1.38
N TYR C 220 -32.05 -7.70 -1.57
CA TYR C 220 -30.88 -7.88 -2.43
C TYR C 220 -30.92 -9.16 -3.24
N TRP C 221 -30.43 -9.08 -4.47
CA TRP C 221 -30.13 -10.24 -5.27
C TRP C 221 -28.76 -10.66 -4.83
N LEU C 222 -28.60 -11.93 -4.52
CA LEU C 222 -27.29 -12.49 -4.21
C LEU C 222 -26.68 -12.93 -5.52
N VAL C 223 -25.65 -12.20 -5.93
CA VAL C 223 -25.03 -12.37 -7.24
C VAL C 223 -23.57 -12.80 -7.08
N LYS C 224 -23.20 -13.83 -7.84
CA LYS C 224 -21.81 -14.30 -7.96
C LYS C 224 -21.11 -13.51 -9.08
N ASN C 225 -19.82 -13.26 -8.92
CA ASN C 225 -19.02 -12.58 -9.93
C ASN C 225 -17.80 -13.46 -10.18
N SER C 226 -17.01 -13.13 -11.19
CA SER C 226 -15.74 -13.81 -11.41
C SER C 226 -14.56 -12.82 -11.46
N TRP C 227 -14.44 -12.02 -10.42
CA TRP C 227 -13.30 -11.12 -10.21
C TRP C 227 -12.46 -11.60 -9.02
N GLY C 228 -12.43 -12.91 -8.82
CA GLY C 228 -11.79 -13.48 -7.64
C GLY C 228 -12.51 -13.17 -6.37
N GLU C 229 -12.10 -13.83 -5.29
CA GLU C 229 -12.71 -13.65 -3.98
C GLU C 229 -12.12 -12.47 -3.18
N GLU C 230 -11.14 -11.77 -3.75
CA GLU C 230 -10.63 -10.54 -3.15
C GLU C 230 -11.61 -9.39 -3.30
N TRP C 231 -12.29 -9.36 -4.46
CA TRP C 231 -13.33 -8.38 -4.75
C TRP C 231 -14.59 -8.65 -3.92
N GLY C 232 -15.23 -7.57 -3.45
CA GLY C 232 -16.54 -7.65 -2.78
C GLY C 232 -16.56 -8.41 -1.47
N MET C 233 -17.65 -9.14 -1.23
CA MET C 233 -17.69 -10.13 -0.14
C MET C 233 -17.46 -11.50 -0.75
N GLY C 234 -16.31 -12.10 -0.46
CA GLY C 234 -15.98 -13.43 -0.94
C GLY C 234 -15.97 -13.61 -2.45
N GLY C 235 -16.07 -12.50 -3.18
CA GLY C 235 -16.26 -12.51 -4.62
C GLY C 235 -17.71 -12.35 -5.05
N TYR C 236 -18.58 -12.10 -4.07
CA TYR C 236 -20.01 -12.04 -4.22
C TYR C 236 -20.49 -10.64 -3.96
N VAL C 237 -21.68 -10.31 -4.50
CA VAL C 237 -22.22 -8.95 -4.42
C VAL C 237 -23.73 -8.90 -4.20
N LYS C 238 -24.15 -8.08 -3.23
CA LYS C 238 -25.60 -7.81 -2.94
C LYS C 238 -26.04 -6.64 -3.78
N MET C 239 -26.78 -6.92 -4.85
CA MET C 239 -27.32 -5.88 -5.73
C MET C 239 -28.79 -5.60 -5.45
N ALA C 240 -29.07 -4.32 -5.23
CA ALA C 240 -30.40 -3.77 -5.04
C ALA C 240 -31.53 -4.53 -5.73
N LYS C 241 -32.48 -5.03 -4.92
CA LYS C 241 -33.65 -5.75 -5.45
C LYS C 241 -34.89 -4.89 -5.32
N ASP C 242 -35.75 -4.99 -6.34
CA ASP C 242 -37.03 -4.26 -6.41
C ASP C 242 -36.85 -2.76 -6.40
N ARG C 243 -35.81 -2.29 -7.09
CA ARG C 243 -35.61 -0.86 -7.34
C ARG C 243 -35.49 -0.56 -8.84
N ARG C 244 -36.54 -0.92 -9.58
CA ARG C 244 -36.70 -0.50 -10.99
C ARG C 244 -35.67 -1.14 -11.91
N ASN C 245 -35.73 -2.47 -11.97
CA ASN C 245 -34.68 -3.27 -12.56
C ASN C 245 -33.35 -2.56 -12.37
N HIS C 246 -32.86 -2.53 -11.14
CA HIS C 246 -31.64 -1.79 -10.87
C HIS C 246 -30.49 -2.44 -11.63
N CYS C 247 -29.74 -1.60 -12.36
CA CYS C 247 -28.68 -2.00 -13.30
C CYS C 247 -29.05 -3.17 -14.23
N GLY C 248 -30.32 -3.25 -14.62
CA GLY C 248 -30.82 -4.23 -15.58
C GLY C 248 -30.66 -5.71 -15.24
N ILE C 249 -30.68 -6.04 -13.95
CA ILE C 249 -30.44 -7.43 -13.55
C ILE C 249 -31.45 -8.41 -14.15
N ALA C 250 -32.59 -7.88 -14.56
CA ALA C 250 -33.70 -8.69 -15.01
C ALA C 250 -34.00 -8.53 -16.49
N SER C 251 -33.36 -7.57 -17.15
CA SER C 251 -33.59 -7.31 -18.59
C SER C 251 -33.14 -8.45 -19.53
N ALA C 252 -32.24 -9.30 -19.06
CA ALA C 252 -31.63 -10.32 -19.91
C ALA C 252 -31.25 -11.55 -19.09
N ALA C 253 -32.23 -12.11 -18.39
CA ALA C 253 -32.02 -13.28 -17.55
C ALA C 253 -32.38 -14.57 -18.30
N SER C 254 -31.60 -15.62 -18.03
CA SER C 254 -31.72 -16.90 -18.70
C SER C 254 -31.01 -18.06 -17.93
N TYR C 255 -31.35 -19.30 -18.30
CA TYR C 255 -30.70 -20.50 -17.78
C TYR C 255 -30.81 -21.67 -18.75
N PRO C 256 -29.87 -22.65 -18.65
CA PRO C 256 -29.95 -23.82 -19.50
C PRO C 256 -31.03 -24.77 -19.02
N THR C 257 -31.55 -25.57 -19.94
CA THR C 257 -32.64 -26.49 -19.67
C THR C 257 -32.02 -27.88 -19.64
N VAL C 258 -32.06 -28.52 -18.47
CA VAL C 258 -31.33 -29.76 -18.25
C VAL C 258 -32.09 -30.73 -17.36
N ALA D 39 2.38 -34.32 -1.86
CA ALA D 39 1.53 -33.13 -1.54
C ALA D 39 1.84 -31.97 -2.51
N PRO D 40 0.80 -31.18 -2.86
CA PRO D 40 1.10 -30.00 -3.67
C PRO D 40 1.56 -28.85 -2.80
N ARG D 41 2.02 -27.79 -3.45
CA ARG D 41 2.41 -26.57 -2.77
C ARG D 41 1.19 -25.74 -2.37
N SER D 42 0.04 -26.03 -2.98
CA SER D 42 -1.22 -25.38 -2.63
C SER D 42 -2.33 -26.41 -2.42
N VAL D 43 -3.11 -26.25 -1.36
CA VAL D 43 -4.27 -27.10 -1.13
C VAL D 43 -5.53 -26.26 -0.88
N ASP D 44 -6.58 -26.54 -1.65
CA ASP D 44 -7.86 -25.88 -1.49
C ASP D 44 -8.99 -26.91 -1.56
N TRP D 45 -9.36 -27.46 -0.40
CA TRP D 45 -10.38 -28.51 -0.33
C TRP D 45 -11.80 -28.04 -0.66
N ARG D 46 -12.01 -26.73 -0.65
CA ARG D 46 -13.29 -26.13 -1.08
C ARG D 46 -13.56 -26.37 -2.57
N GLU D 47 -12.49 -26.45 -3.38
CA GLU D 47 -12.61 -26.76 -4.81
C GLU D 47 -13.14 -28.17 -5.12
N LYS D 48 -13.05 -29.08 -4.14
CA LYS D 48 -13.48 -30.48 -4.33
C LYS D 48 -14.81 -30.77 -3.63
N GLY D 49 -15.42 -29.71 -3.09
CA GLY D 49 -16.74 -29.80 -2.45
C GLY D 49 -16.78 -30.45 -1.08
N TYR D 50 -15.67 -30.39 -0.33
CA TYR D 50 -15.59 -30.90 1.05
C TYR D 50 -16.21 -29.94 2.04
N VAL D 51 -16.30 -28.67 1.65
CA VAL D 51 -16.52 -27.58 2.59
C VAL D 51 -17.90 -26.98 2.38
N THR D 52 -18.71 -26.91 3.45
CA THR D 52 -19.99 -26.21 3.41
C THR D 52 -19.71 -24.73 3.48
N PRO D 53 -20.76 -23.89 3.39
CA PRO D 53 -20.55 -22.46 3.61
C PRO D 53 -20.37 -22.07 5.08
N VAL D 54 -19.76 -20.91 5.30
CA VAL D 54 -19.54 -20.39 6.64
C VAL D 54 -20.85 -20.23 7.43
N LYS D 55 -20.81 -20.62 8.69
CA LYS D 55 -21.95 -20.53 9.61
C LYS D 55 -21.65 -19.43 10.62
N ASN D 56 -22.59 -19.21 11.54
CA ASN D 56 -22.47 -18.19 12.58
C ASN D 56 -22.82 -18.79 13.93
N GLN D 57 -21.82 -19.01 14.77
CA GLN D 57 -22.04 -19.51 16.13
C GLN D 57 -22.78 -18.51 17.02
N GLY D 58 -22.80 -17.24 16.61
CA GLY D 58 -23.49 -16.21 17.38
C GLY D 58 -22.74 -15.95 18.67
N GLN D 59 -23.48 -15.82 19.76
CA GLN D 59 -22.91 -15.49 21.08
C GLN D 59 -22.55 -16.70 21.93
N CYS D 60 -23.18 -17.84 21.67
CA CYS D 60 -22.83 -19.09 22.31
C CYS D 60 -21.33 -19.37 22.16
N GLY D 61 -20.73 -20.03 23.14
CA GLY D 61 -19.33 -20.49 23.02
C GLY D 61 -19.24 -21.89 22.44
N SER D 62 -19.89 -22.08 21.30
CA SER D 62 -20.01 -23.38 20.66
C SER D 62 -18.95 -23.58 19.56
N CYS D 63 -18.02 -22.62 19.45
CA CYS D 63 -17.07 -22.59 18.32
C CYS D 63 -16.48 -23.95 18.01
N TRP D 64 -16.36 -24.78 19.05
CA TRP D 64 -15.82 -26.14 18.92
C TRP D 64 -16.73 -27.04 18.08
N ALA D 65 -18.04 -26.82 18.16
CA ALA D 65 -19.05 -27.65 17.50
C ALA D 65 -19.17 -27.40 15.99
N PHE D 66 -18.63 -26.28 15.54
CA PHE D 66 -18.59 -25.95 14.14
C PHE D 66 -17.26 -26.42 13.54
N SER D 67 -16.21 -26.45 14.37
CA SER D 67 -14.96 -27.04 13.95
C SER D 67 -15.18 -28.54 13.61
N ALA D 68 -15.89 -29.24 14.50
CA ALA D 68 -16.12 -30.68 14.39
C ALA D 68 -17.05 -31.03 13.23
N THR D 69 -18.12 -30.26 13.07
CA THR D 69 -19.01 -30.50 11.93
C THR D 69 -18.24 -30.29 10.63
N GLY D 70 -17.33 -29.33 10.62
CA GLY D 70 -16.41 -29.16 9.49
C GLY D 70 -15.60 -30.42 9.18
N ALA D 71 -14.74 -30.80 10.12
CA ALA D 71 -13.96 -32.03 9.98
C ALA D 71 -14.84 -33.19 9.51
N LEU D 72 -15.97 -33.39 10.18
CA LEU D 72 -16.93 -34.43 9.82
C LEU D 72 -17.61 -34.24 8.44
N GLU D 73 -17.88 -32.99 8.05
CA GLU D 73 -18.44 -32.71 6.73
C GLU D 73 -17.57 -33.32 5.62
N GLY D 74 -16.29 -32.96 5.63
CA GLY D 74 -15.32 -33.41 4.61
C GLY D 74 -14.88 -34.87 4.72
N GLN D 75 -14.92 -35.42 5.94
CA GLN D 75 -14.57 -36.82 6.16
C GLN D 75 -15.71 -37.70 5.71
N MET D 76 -16.94 -37.27 5.98
CA MET D 76 -18.13 -37.97 5.48
C MET D 76 -18.27 -37.80 3.97
N PHE D 77 -17.69 -36.72 3.44
CA PHE D 77 -17.69 -36.49 1.99
C PHE D 77 -16.81 -37.49 1.24
N ARG D 78 -15.65 -37.78 1.82
CA ARG D 78 -14.65 -38.64 1.17
C ARG D 78 -15.11 -40.09 1.18
N LYS D 79 -15.94 -40.44 2.15
CA LYS D 79 -16.49 -41.80 2.24
C LYS D 79 -17.72 -42.01 1.33
N THR D 80 -18.46 -40.93 1.08
CA THR D 80 -19.79 -41.01 0.48
C THR D 80 -19.94 -40.24 -0.83
N GLY D 81 -19.26 -39.10 -0.94
CA GLY D 81 -19.45 -38.20 -2.08
C GLY D 81 -20.78 -37.48 -1.92
N ARG D 82 -21.17 -37.25 -0.67
CA ARG D 82 -22.36 -36.50 -0.35
C ARG D 82 -21.99 -35.43 0.66
N LEU D 83 -22.00 -34.17 0.23
CA LEU D 83 -21.71 -33.05 1.15
C LEU D 83 -22.99 -32.68 1.88
N ILE D 84 -23.02 -32.91 3.20
CA ILE D 84 -24.20 -32.59 4.00
C ILE D 84 -23.84 -31.68 5.18
N SER D 85 -24.70 -30.67 5.40
CA SER D 85 -24.56 -29.72 6.49
C SER D 85 -24.93 -30.41 7.80
N LEU D 86 -24.17 -30.17 8.88
CA LEU D 86 -24.34 -30.92 10.13
C LEU D 86 -24.74 -30.08 11.33
N SER D 87 -25.59 -30.67 12.16
CA SER D 87 -26.13 -30.00 13.32
C SER D 87 -25.12 -29.83 14.48
N GLU D 88 -24.78 -28.57 14.73
CA GLU D 88 -24.00 -28.18 15.90
C GLU D 88 -24.86 -28.11 17.15
N GLN D 89 -26.15 -27.74 16.99
CA GLN D 89 -27.02 -27.66 18.15
C GLN D 89 -27.05 -29.00 18.81
N ASN D 90 -26.94 -30.01 17.96
CA ASN D 90 -26.87 -31.41 18.36
C ASN D 90 -25.67 -31.71 19.25
N LEU D 91 -24.53 -31.09 18.90
CA LEU D 91 -23.29 -31.24 19.65
C LEU D 91 -23.36 -30.43 20.94
N VAL D 92 -23.95 -29.27 20.87
CA VAL D 92 -24.12 -28.47 22.04
C VAL D 92 -25.10 -29.21 22.97
N ASP D 93 -26.27 -29.57 22.45
CA ASP D 93 -27.31 -30.20 23.26
C ASP D 93 -26.89 -31.52 23.94
N CYS D 94 -26.18 -32.41 23.24
CA CYS D 94 -26.04 -33.82 23.70
C CYS D 94 -24.68 -34.34 24.17
N SER D 95 -23.60 -33.60 23.94
CA SER D 95 -22.25 -34.16 24.14
C SER D 95 -21.66 -33.94 25.54
N GLY D 96 -22.49 -33.47 26.46
CA GLY D 96 -22.10 -33.33 27.88
C GLY D 96 -21.39 -34.54 28.49
N PRO D 97 -21.97 -35.76 28.34
CA PRO D 97 -21.35 -36.93 28.94
C PRO D 97 -19.89 -37.09 28.55
N GLN D 98 -19.60 -36.92 27.27
CA GLN D 98 -18.21 -37.04 26.76
C GLN D 98 -17.31 -36.00 27.39
N GLY D 99 -17.90 -34.86 27.74
CA GLY D 99 -17.20 -33.83 28.53
C GLY D 99 -17.31 -32.41 28.01
N ASN D 100 -18.30 -32.13 27.18
CA ASN D 100 -18.43 -30.78 26.63
C ASN D 100 -19.31 -29.89 27.53
N GLU D 101 -19.17 -28.59 27.37
CA GLU D 101 -19.89 -27.64 28.19
C GLU D 101 -20.82 -26.77 27.36
N GLY D 102 -21.42 -27.37 26.33
CA GLY D 102 -22.31 -26.66 25.41
C GLY D 102 -21.86 -25.25 25.06
N CYS D 103 -22.69 -24.27 25.40
CA CYS D 103 -22.39 -22.85 25.16
C CYS D 103 -21.22 -22.31 25.96
N ASN D 104 -20.84 -22.98 27.03
CA ASN D 104 -19.76 -22.51 27.91
C ASN D 104 -18.43 -23.21 27.69
N GLY D 105 -18.15 -23.54 26.42
CA GLY D 105 -16.90 -24.18 26.01
C GLY D 105 -17.07 -25.66 25.67
N GLY D 106 -16.02 -26.24 25.08
CA GLY D 106 -16.02 -27.67 24.76
C GLY D 106 -14.81 -28.08 23.97
N LEU D 107 -14.74 -29.35 23.56
CA LEU D 107 -13.64 -29.82 22.68
C LEU D 107 -14.17 -30.62 21.49
N MET D 108 -13.49 -30.46 20.36
CA MET D 108 -13.80 -31.18 19.13
C MET D 108 -13.58 -32.68 19.28
N ASP D 109 -12.55 -33.07 20.05
CA ASP D 109 -12.30 -34.50 20.36
C ASP D 109 -13.53 -35.13 20.99
N TYR D 110 -14.21 -34.34 21.80
CA TYR D 110 -15.34 -34.78 22.58
C TYR D 110 -16.56 -34.91 21.70
N ALA D 111 -16.62 -34.06 20.67
CA ALA D 111 -17.67 -34.10 19.66
C ALA D 111 -17.44 -35.30 18.73
N PHE D 112 -16.19 -35.56 18.37
CA PHE D 112 -15.87 -36.80 17.66
C PHE D 112 -16.21 -37.96 18.54
N GLN D 113 -15.74 -37.95 19.79
CA GLN D 113 -16.14 -38.96 20.81
C GLN D 113 -17.66 -39.19 20.86
N TYR D 114 -18.42 -38.14 21.17
CA TYR D 114 -19.88 -38.25 21.22
C TYR D 114 -20.45 -39.01 20.00
N VAL D 115 -20.29 -38.45 18.80
CA VAL D 115 -20.79 -39.07 17.58
C VAL D 115 -20.62 -40.62 17.56
N GLN D 116 -19.42 -41.13 17.86
CA GLN D 116 -19.18 -42.59 17.91
C GLN D 116 -19.95 -43.31 19.01
N ASP D 117 -19.95 -42.74 20.22
CA ASP D 117 -20.66 -43.34 21.33
C ASP D 117 -22.18 -43.31 21.15
N ASN D 118 -22.65 -42.38 20.31
CA ASN D 118 -24.08 -42.15 20.08
C ASN D 118 -24.55 -42.94 18.86
N GLY D 119 -23.60 -43.48 18.10
CA GLY D 119 -23.92 -44.23 16.89
C GLY D 119 -24.43 -43.38 15.73
N GLY D 120 -24.23 -42.05 15.82
CA GLY D 120 -24.59 -41.14 14.74
C GLY D 120 -24.65 -39.67 15.10
N LEU D 121 -24.93 -38.83 14.09
CA LEU D 121 -25.20 -37.40 14.26
C LEU D 121 -26.33 -37.01 13.32
N ASP D 122 -27.06 -35.94 13.67
CA ASP D 122 -28.11 -35.39 12.82
C ASP D 122 -27.65 -34.26 11.89
N SER D 123 -28.47 -34.04 10.87
CA SER D 123 -28.21 -33.04 9.83
C SER D 123 -28.67 -31.67 10.33
N GLU D 124 -28.09 -30.63 9.75
CA GLU D 124 -28.44 -29.25 10.08
C GLU D 124 -29.94 -28.98 9.91
N GLU D 125 -30.53 -29.57 8.87
CA GLU D 125 -31.93 -29.34 8.52
C GLU D 125 -32.88 -29.95 9.54
N SER D 126 -32.59 -31.18 9.95
CA SER D 126 -33.42 -31.87 10.93
C SER D 126 -33.34 -31.25 12.31
N TYR D 127 -32.14 -30.73 12.62
CA TYR D 127 -31.80 -30.30 13.96
C TYR D 127 -31.11 -28.93 13.87
N PRO D 128 -31.88 -27.88 13.53
CA PRO D 128 -31.28 -26.59 13.22
C PRO D 128 -30.64 -25.92 14.43
N TYR D 129 -29.86 -24.88 14.18
CA TYR D 129 -28.97 -24.33 15.18
C TYR D 129 -29.68 -23.26 15.99
N GLU D 130 -29.57 -23.35 17.31
CA GLU D 130 -30.31 -22.47 18.23
C GLU D 130 -29.47 -21.51 19.07
N ALA D 131 -28.15 -21.53 18.91
CA ALA D 131 -27.22 -20.71 19.71
C ALA D 131 -27.59 -20.59 21.19
N THR D 132 -28.02 -21.72 21.76
CA THR D 132 -28.37 -21.83 23.19
C THR D 132 -28.44 -23.31 23.55
N GLU D 133 -28.18 -23.62 24.82
CA GLU D 133 -28.11 -25.00 25.31
C GLU D 133 -29.45 -25.48 25.89
N GLU D 134 -30.36 -25.86 24.99
CA GLU D 134 -31.60 -26.54 25.36
C GLU D 134 -31.35 -28.07 25.32
N SER D 135 -32.41 -28.85 25.56
CA SER D 135 -32.24 -30.28 25.82
C SER D 135 -31.93 -31.09 24.57
N CYS D 136 -31.25 -32.21 24.78
CA CYS D 136 -30.88 -33.15 23.71
C CYS D 136 -32.14 -33.55 23.01
N LYS D 137 -32.20 -33.34 21.71
CA LYS D 137 -33.33 -33.81 20.92
C LYS D 137 -32.88 -34.73 19.79
N TYR D 138 -31.81 -35.49 20.01
CA TYR D 138 -31.26 -36.41 18.99
C TYR D 138 -32.27 -37.46 18.50
N ASN D 139 -32.23 -37.75 17.20
CA ASN D 139 -33.11 -38.75 16.59
C ASN D 139 -32.36 -39.56 15.55
N PRO D 140 -32.22 -40.88 15.76
CA PRO D 140 -31.55 -41.73 14.76
C PRO D 140 -32.13 -41.78 13.32
N LYS D 141 -33.30 -41.19 13.04
CA LYS D 141 -33.89 -41.27 11.67
C LYS D 141 -33.24 -40.30 10.70
N TYR D 142 -32.90 -39.10 11.18
CA TYR D 142 -32.27 -38.06 10.35
C TYR D 142 -30.76 -37.98 10.62
N SER D 143 -30.19 -39.09 11.10
CA SER D 143 -28.74 -39.18 11.35
C SER D 143 -28.04 -39.35 10.02
N VAL D 144 -27.01 -38.54 9.78
CA VAL D 144 -26.32 -38.56 8.49
C VAL D 144 -24.81 -38.79 8.56
N ALA D 145 -24.29 -39.17 9.73
CA ALA D 145 -22.85 -39.42 9.85
C ALA D 145 -22.46 -40.26 11.06
N ASN D 146 -21.23 -40.77 11.02
N ASN D 146 -21.23 -40.76 11.06
CA ASN D 146 -20.64 -41.67 12.03
CA ASN D 146 -20.64 -41.42 12.23
C ASN D 146 -19.12 -41.41 12.10
C ASN D 146 -19.13 -41.42 12.11
N ASP D 147 -18.45 -41.96 13.11
CA ASP D 147 -16.98 -42.12 13.04
C ASP D 147 -16.46 -43.19 13.99
N ALA D 148 -15.30 -43.75 13.67
CA ALA D 148 -14.68 -44.80 14.47
C ALA D 148 -13.75 -44.19 15.53
N GLY D 149 -14.17 -43.08 16.13
CA GLY D 149 -13.32 -42.31 17.02
C GLY D 149 -12.67 -41.12 16.35
N PHE D 150 -11.50 -40.74 16.83
CA PHE D 150 -10.76 -39.62 16.28
C PHE D 150 -9.24 -39.88 16.29
N VAL D 151 -8.51 -39.00 15.61
CA VAL D 151 -7.05 -39.00 15.58
C VAL D 151 -6.52 -37.60 15.93
N ASP D 152 -5.59 -37.55 16.88
CA ASP D 152 -4.85 -36.33 17.21
C ASP D 152 -3.54 -36.30 16.42
N ILE D 153 -3.22 -35.15 15.85
CA ILE D 153 -2.01 -34.99 15.03
C ILE D 153 -0.83 -34.55 15.91
N PRO D 154 0.39 -35.09 15.64
CA PRO D 154 1.59 -34.61 16.34
C PRO D 154 1.73 -33.09 16.37
N LYS D 155 2.52 -32.59 17.33
CA LYS D 155 2.53 -31.16 17.66
C LYS D 155 3.62 -30.39 16.93
N GLN D 156 3.85 -30.70 15.65
CA GLN D 156 4.73 -29.89 14.80
C GLN D 156 3.93 -29.53 13.55
N GLU D 157 4.22 -28.37 12.97
CA GLU D 157 3.53 -27.96 11.72
C GLU D 157 3.74 -28.90 10.53
N LYS D 158 4.82 -29.68 10.55
CA LYS D 158 5.14 -30.54 9.42
C LYS D 158 4.08 -31.64 9.22
N ALA D 159 3.75 -32.38 10.29
CA ALA D 159 2.70 -33.41 10.26
C ALA D 159 1.37 -32.85 9.74
N LEU D 160 0.96 -31.71 10.30
CA LEU D 160 -0.24 -30.98 9.88
C LEU D 160 -0.29 -30.81 8.37
N MET D 161 0.84 -30.45 7.77
CA MET D 161 0.91 -30.16 6.34
C MET D 161 0.53 -31.36 5.47
N LYS D 162 1.09 -32.54 5.76
CA LYS D 162 0.71 -33.77 5.02
C LYS D 162 -0.60 -34.37 5.54
N ALA D 163 -0.89 -34.17 6.82
CA ALA D 163 -2.20 -34.55 7.34
C ALA D 163 -3.24 -33.85 6.49
N VAL D 164 -3.08 -32.52 6.42
CA VAL D 164 -3.99 -31.66 5.67
C VAL D 164 -3.99 -32.03 4.20
N ALA D 165 -2.87 -32.56 3.70
CA ALA D 165 -2.73 -32.91 2.29
C ALA D 165 -3.50 -34.16 1.85
N THR D 166 -3.76 -35.10 2.75
CA THR D 166 -4.28 -36.43 2.36
C THR D 166 -5.66 -36.82 2.91
N VAL D 167 -6.19 -36.04 3.84
CA VAL D 167 -7.36 -36.46 4.60
C VAL D 167 -8.61 -35.64 4.29
N GLY D 168 -8.41 -34.36 3.99
CA GLY D 168 -9.48 -33.38 3.95
C GLY D 168 -9.18 -32.33 5.01
N PRO D 169 -10.12 -31.39 5.22
CA PRO D 169 -10.06 -30.34 6.28
C PRO D 169 -9.84 -30.88 7.68
N ILE D 170 -9.25 -30.07 8.55
CA ILE D 170 -8.74 -30.50 9.85
C ILE D 170 -9.16 -29.55 10.97
N SER D 171 -9.58 -30.11 12.10
CA SER D 171 -9.92 -29.30 13.27
C SER D 171 -8.65 -28.84 13.94
N VAL D 172 -8.57 -27.55 14.25
CA VAL D 172 -7.43 -26.99 15.01
C VAL D 172 -7.90 -25.89 15.95
N ALA D 173 -7.19 -25.76 17.07
CA ALA D 173 -7.42 -24.68 18.02
C ALA D 173 -6.31 -23.67 17.85
N ILE D 174 -6.65 -22.39 18.00
CA ILE D 174 -5.75 -21.30 17.78
C ILE D 174 -5.90 -20.32 18.92
N ASP D 175 -4.95 -19.40 19.05
CA ASP D 175 -5.02 -18.30 20.03
C ASP D 175 -5.67 -17.08 19.38
N ALA D 176 -6.93 -16.83 19.69
CA ALA D 176 -7.71 -15.78 19.05
C ALA D 176 -7.99 -14.55 19.94
N GLY D 177 -7.30 -14.46 21.08
CA GLY D 177 -7.62 -13.42 22.07
C GLY D 177 -6.89 -12.11 21.86
N HIS D 178 -7.03 -11.54 20.67
CA HIS D 178 -6.37 -10.29 20.34
C HIS D 178 -7.25 -9.49 19.41
N GLU D 179 -7.33 -8.16 19.63
CA GLU D 179 -8.34 -7.30 18.96
C GLU D 179 -8.17 -7.26 17.46
N SER D 180 -6.93 -7.49 17.00
CA SER D 180 -6.58 -7.73 15.59
C SER D 180 -7.45 -8.78 14.90
N PHE D 181 -7.42 -10.00 15.44
CA PHE D 181 -8.22 -11.14 14.93
C PHE D 181 -9.69 -10.74 14.81
N LEU D 182 -10.25 -10.13 15.86
CA LEU D 182 -11.60 -9.58 15.77
C LEU D 182 -11.81 -8.71 14.50
N PHE D 183 -10.79 -7.93 14.11
CA PHE D 183 -10.89 -7.00 12.97
C PHE D 183 -10.29 -7.50 11.68
N TYR D 184 -9.91 -8.77 11.64
CA TYR D 184 -9.36 -9.32 10.43
C TYR D 184 -10.26 -9.04 9.23
N LYS D 185 -9.67 -8.55 8.15
CA LYS D 185 -10.35 -8.47 6.85
C LYS D 185 -9.62 -9.28 5.76
N GLU D 186 -8.34 -9.04 5.57
CA GLU D 186 -7.59 -9.82 4.58
C GLU D 186 -6.07 -9.77 4.79
N GLY D 187 -5.38 -10.68 4.09
CA GLY D 187 -3.94 -10.78 4.18
C GLY D 187 -3.45 -11.92 5.06
N ILE D 188 -2.14 -12.03 5.20
CA ILE D 188 -1.51 -13.05 6.03
C ILE D 188 -1.43 -12.57 7.47
N TYR D 189 -2.51 -12.83 8.22
CA TYR D 189 -2.60 -12.47 9.65
C TYR D 189 -1.43 -13.05 10.46
N PHE D 190 -0.65 -12.14 11.05
CA PHE D 190 0.43 -12.49 11.97
C PHE D 190 0.23 -11.65 13.21
N GLU D 191 0.72 -12.16 14.33
CA GLU D 191 0.27 -11.70 15.63
C GLU D 191 1.39 -11.71 16.70
N PRO D 192 2.12 -10.59 16.85
CA PRO D 192 3.21 -10.37 17.81
C PRO D 192 3.02 -10.92 19.24
N ASP D 193 1.78 -10.98 19.73
CA ASP D 193 1.50 -11.46 21.09
C ASP D 193 0.89 -12.86 21.11
N CYS D 194 0.73 -13.48 19.94
CA CYS D 194 0.13 -14.83 19.86
C CYS D 194 0.88 -15.87 20.66
N SER D 195 0.24 -16.43 21.68
CA SER D 195 0.75 -17.62 22.36
C SER D 195 0.60 -18.85 21.46
N SER D 196 1.58 -19.73 21.51
CA SER D 196 1.51 -21.01 20.80
C SER D 196 0.86 -22.11 21.66
N GLU D 197 0.79 -21.90 22.98
CA GLU D 197 0.39 -22.97 23.90
C GLU D 197 -0.90 -22.66 24.66
N ASP D 198 -1.45 -21.47 24.44
CA ASP D 198 -2.68 -21.05 25.10
C ASP D 198 -3.68 -20.68 23.99
N MET D 199 -4.78 -21.43 23.92
CA MET D 199 -5.77 -21.33 22.83
C MET D 199 -7.17 -21.36 23.37
N ASP D 200 -8.05 -20.57 22.73
CA ASP D 200 -9.40 -20.39 23.18
C ASP D 200 -10.43 -20.58 22.07
N HIS D 201 -10.00 -21.00 20.88
CA HIS D 201 -10.89 -20.93 19.70
C HIS D 201 -10.66 -22.05 18.67
N GLY D 202 -11.67 -22.90 18.50
CA GLY D 202 -11.62 -24.01 17.54
C GLY D 202 -12.19 -23.62 16.18
N VAL D 203 -11.34 -23.63 15.17
CA VAL D 203 -11.71 -23.29 13.79
C VAL D 203 -11.27 -24.45 12.89
N LEU D 204 -11.28 -24.22 11.57
CA LEU D 204 -11.06 -25.31 10.62
C LEU D 204 -10.03 -24.98 9.55
N VAL D 205 -8.98 -25.81 9.48
CA VAL D 205 -7.97 -25.69 8.43
C VAL D 205 -8.46 -26.39 7.17
N VAL D 206 -8.78 -25.60 6.13
CA VAL D 206 -9.27 -26.15 4.87
C VAL D 206 -8.20 -26.23 3.78
N GLY D 207 -7.05 -25.63 4.02
CA GLY D 207 -5.94 -25.77 3.08
C GLY D 207 -4.75 -24.93 3.47
N TYR D 208 -3.84 -24.73 2.52
CA TYR D 208 -2.77 -23.76 2.65
C TYR D 208 -2.43 -23.14 1.28
N GLY D 209 -1.57 -22.12 1.28
CA GLY D 209 -1.00 -21.58 0.07
C GLY D 209 0.35 -20.95 0.36
N PHE D 210 0.81 -20.16 -0.59
CA PHE D 210 1.99 -19.31 -0.41
C PHE D 210 1.80 -18.12 -1.32
N GLU D 211 2.12 -16.94 -0.80
CA GLU D 211 2.10 -15.67 -1.54
C GLU D 211 3.48 -15.03 -1.41
N ASN D 218 4.82 -14.94 3.95
CA ASN D 218 4.90 -15.72 2.73
C ASN D 218 3.91 -16.88 2.74
N LYS D 219 4.09 -17.81 3.67
CA LYS D 219 3.26 -19.02 3.73
C LYS D 219 2.00 -18.80 4.56
N TYR D 220 0.96 -19.61 4.32
CA TYR D 220 -0.27 -19.55 5.12
C TYR D 220 -1.10 -20.83 5.04
N TRP D 221 -1.85 -21.11 6.12
CA TRP D 221 -2.90 -22.15 6.11
C TRP D 221 -4.25 -21.49 5.91
N LEU D 222 -5.08 -22.06 5.04
CA LEU D 222 -6.41 -21.55 4.75
C LEU D 222 -7.40 -21.99 5.84
N VAL D 223 -7.97 -21.02 6.54
CA VAL D 223 -8.69 -21.30 7.77
C VAL D 223 -10.10 -20.69 7.73
N LYS D 224 -11.10 -21.58 7.84
CA LYS D 224 -12.52 -21.22 7.94
C LYS D 224 -12.87 -20.94 9.40
N ASN D 225 -13.55 -19.85 9.69
CA ASN D 225 -13.98 -19.52 11.07
C ASN D 225 -15.46 -19.92 11.25
N SER D 226 -16.10 -19.40 12.28
CA SER D 226 -17.56 -19.51 12.45
C SER D 226 -18.15 -18.24 13.06
N TRP D 227 -17.76 -17.07 12.53
CA TRP D 227 -18.34 -15.80 12.93
C TRP D 227 -19.07 -15.12 11.75
N GLY D 228 -19.55 -15.93 10.81
CA GLY D 228 -20.23 -15.44 9.60
C GLY D 228 -19.30 -15.03 8.47
N GLU D 229 -19.85 -14.90 7.27
CA GLU D 229 -19.04 -14.45 6.12
C GLU D 229 -19.01 -12.91 5.96
N GLU D 230 -19.00 -12.21 7.09
CA GLU D 230 -18.70 -10.79 7.10
C GLU D 230 -17.45 -10.51 7.94
N TRP D 231 -17.05 -11.48 8.76
CA TRP D 231 -15.66 -11.51 9.24
C TRP D 231 -14.80 -11.96 8.09
N GLY D 232 -13.61 -11.35 7.98
CA GLY D 232 -12.54 -11.85 7.12
C GLY D 232 -12.87 -11.85 5.63
N MET D 233 -12.12 -12.66 4.88
CA MET D 233 -12.39 -12.87 3.48
C MET D 233 -13.60 -13.78 3.34
N GLY D 234 -14.79 -13.21 3.42
CA GLY D 234 -16.04 -13.98 3.38
C GLY D 234 -16.10 -15.14 4.37
N GLY D 235 -15.54 -14.95 5.56
CA GLY D 235 -15.56 -15.94 6.62
C GLY D 235 -14.23 -16.62 6.92
N TYR D 236 -13.28 -16.50 5.99
CA TYR D 236 -12.00 -17.17 6.07
C TYR D 236 -10.88 -16.28 6.59
N VAL D 237 -9.80 -16.94 7.06
CA VAL D 237 -8.56 -16.27 7.45
C VAL D 237 -7.35 -17.01 6.89
N LYS D 238 -6.33 -16.28 6.45
CA LYS D 238 -5.07 -16.90 6.09
C LYS D 238 -4.22 -16.81 7.33
N MET D 239 -3.95 -17.95 7.97
CA MET D 239 -3.17 -17.97 9.21
C MET D 239 -1.70 -18.22 8.89
N ALA D 240 -0.86 -17.26 9.30
CA ALA D 240 0.61 -17.35 9.18
C ALA D 240 1.13 -18.78 9.39
N LYS D 241 1.86 -19.29 8.39
CA LYS D 241 2.40 -20.66 8.44
C LYS D 241 3.92 -20.70 8.64
N ASP D 242 4.38 -21.79 9.28
CA ASP D 242 5.81 -22.09 9.48
C ASP D 242 6.57 -20.96 10.18
N ARG D 243 5.85 -20.17 10.97
CA ARG D 243 6.45 -19.10 11.75
C ARG D 243 6.36 -19.51 13.21
N ARG D 244 7.09 -20.57 13.54
CA ARG D 244 7.24 -21.05 14.90
C ARG D 244 5.90 -21.31 15.58
N ASN D 245 5.09 -22.15 14.95
CA ASN D 245 3.74 -22.52 15.44
C ASN D 245 2.94 -21.28 15.87
N HIS D 246 2.65 -20.41 14.91
CA HIS D 246 2.02 -19.16 15.27
C HIS D 246 0.56 -19.37 15.69
N CYS D 247 0.24 -18.83 16.86
CA CYS D 247 -1.08 -18.99 17.48
C CYS D 247 -1.45 -20.46 17.69
N GLY D 248 -0.45 -21.31 17.89
CA GLY D 248 -0.66 -22.70 18.27
C GLY D 248 -1.36 -23.58 17.26
N ILE D 249 -1.31 -23.21 15.98
CA ILE D 249 -2.24 -23.80 15.02
C ILE D 249 -2.04 -25.29 14.75
N ALA D 250 -0.88 -25.84 15.13
CA ALA D 250 -0.63 -27.29 15.05
C ALA D 250 -0.64 -27.94 16.43
N SER D 251 -0.87 -27.14 17.47
CA SER D 251 -0.71 -27.59 18.85
C SER D 251 -1.91 -28.34 19.46
N ALA D 252 -3.03 -28.40 18.72
CA ALA D 252 -4.20 -29.21 19.12
C ALA D 252 -5.10 -29.45 17.93
N ALA D 253 -4.62 -30.30 17.01
CA ALA D 253 -5.30 -30.61 15.76
C ALA D 253 -5.71 -32.08 15.71
N SER D 254 -6.77 -32.36 14.96
CA SER D 254 -7.41 -33.67 14.96
C SER D 254 -8.47 -33.79 13.87
N TYR D 255 -8.94 -35.01 13.64
CA TYR D 255 -10.02 -35.27 12.67
C TYR D 255 -10.69 -36.63 12.89
N PRO D 256 -11.99 -36.72 12.58
CA PRO D 256 -12.73 -37.91 12.92
C PRO D 256 -12.51 -39.05 11.91
N THR D 257 -12.63 -40.29 12.40
CA THR D 257 -12.36 -41.45 11.59
C THR D 257 -13.67 -41.90 10.99
N VAL D 258 -13.76 -41.97 9.66
CA VAL D 258 -15.01 -42.31 8.98
C VAL D 258 -14.76 -43.43 7.97
C1 BD3 E . 3.32 8.73 -12.59
C2 BD3 E . 3.87 7.48 -12.93
C3 BD3 E . 4.16 9.78 -12.23
C4 BD3 E . 5.24 7.28 -12.89
C5 BD3 E . 5.54 9.58 -12.20
C6 BD3 E . 6.08 8.33 -12.52
C7 BD3 E . 6.48 10.64 -11.86
C12 BD3 E . 9.79 11.47 -11.96
N13 BD3 E . 10.61 11.92 -10.82
C15 BD3 E . 1.23 8.58 -14.04
C17 BD3 E . 2.55 8.66 -16.14
C18 BD3 E . 3.16 9.48 -17.22
N22 BD3 E . -1.17 8.16 -13.54
C23 BD3 E . -2.62 8.38 -13.52
C24 BD3 E . -3.09 8.54 -12.07
C30 BD3 E . 4.92 7.88 -18.01
C31 BD3 E . 3.62 12.45 -19.38
C32 BD3 E . 2.70 13.54 -18.81
C33 BD3 E . 3.22 12.15 -20.82
C34 BD3 E . 5.05 13.00 -19.41
N25 BD3 E . -4.35 8.24 -11.82
C20 BD3 E . -0.23 8.98 -14.14
O21 BD3 E . -0.55 9.99 -14.74
N16 BD3 E . 1.88 9.30 -15.14
O19 BD3 E . 2.64 7.45 -16.10
C29 BD3 E . 2.78 10.76 -17.56
C28 BD3 E . 3.61 11.15 -18.58
N27 BD3 E . 4.45 10.11 -18.82
N26 BD3 E . 4.20 9.16 -18.03
C14 BD3 E . 1.81 8.93 -12.65
O11 BD3 E . 7.66 10.46 -12.07
C10 BD3 E . 8.28 11.45 -11.75
N9 BD3 E . 7.43 12.39 -11.27
N8 BD3 E . 6.28 11.88 -11.35
C1 BD3 F . 30.53 25.89 12.13
C2 BD3 F . 29.27 25.32 12.00
C3 BD3 F . 30.63 27.27 12.36
C4 BD3 F . 28.13 26.09 12.12
C5 BD3 F . 29.49 28.05 12.45
C6 BD3 F . 28.24 27.46 12.35
C7 BD3 F . 29.58 29.50 12.71
C12 BD3 F . 27.88 32.31 13.52
N13 BD3 F . 27.45 33.08 12.34
C15 BD3 F . 31.86 23.89 13.01
C17 BD3 F . 30.40 23.84 15.04
C18 BD3 F . 30.18 24.30 16.43
N22 BD3 F . 33.62 22.28 12.23
C23 BD3 F . 34.94 21.62 12.16
C24 BD3 F . 35.62 21.93 10.81
C30 BD3 F . 27.77 24.98 16.35
C31 BD3 F . 31.19 24.96 19.90
C32 BD3 F . 32.70 25.28 19.81
C33 BD3 F . 31.00 23.68 20.71
C34 BD3 F . 30.48 26.12 20.62
N25 BD3 F . 36.44 21.11 10.23
C20 BD3 F . 33.27 23.32 13.08
O21 BD3 F . 34.07 23.79 13.88
N16 BD3 F . 31.50 24.29 14.37
O19 BD3 F . 29.64 23.04 14.53
C29 BD3 F . 31.15 24.28 17.39
C28 BD3 F . 30.55 24.79 18.53
N27 BD3 F . 29.26 25.06 18.23
N26 BD3 F . 29.06 24.79 17.01
C14 BD3 F . 31.80 25.05 11.99
O11 BD3 F . 28.60 30.14 12.98
C10 BD3 F . 28.92 31.29 13.16
N9 BD3 F . 30.25 31.44 12.98
N8 BD3 F . 30.67 30.29 12.70
C1 BD3 G . -23.91 -9.91 -21.91
C2 BD3 G . -24.50 -8.65 -22.03
C3 BD3 G . -24.72 -11.05 -22.02
C4 BD3 G . -25.85 -8.52 -22.24
C5 BD3 G . -26.11 -10.93 -22.21
C6 BD3 G . -26.67 -9.66 -22.33
C7 BD3 G . -27.05 -12.07 -22.34
C12 BD3 G . -30.31 -13.03 -22.67
N13 BD3 G . -30.91 -14.36 -22.60
C15 BD3 G . -21.52 -9.10 -22.55
C17 BD3 G . -22.26 -8.37 -24.85
C18 BD3 G . -22.54 -8.75 -26.24
N22 BD3 G . -19.27 -8.87 -21.39
C23 BD3 G . -17.85 -9.25 -21.30
C24 BD3 G . -17.49 -9.95 -20.00
C30 BD3 G . -24.68 -7.46 -26.39
C31 BD3 G . -22.32 -10.24 -29.60
C32 BD3 G . -21.52 -11.56 -29.48
C33 BD3 G . -21.60 -9.21 -30.49
C34 BD3 G . -23.67 -10.53 -30.26
N25 BD3 G . -16.25 -9.90 -19.60
C20 BD3 G . -20.06 -9.43 -22.38
O21 BD3 G . -19.53 -10.21 -23.13
N16 BD3 G . -21.82 -9.33 -23.96
O19 BD3 G . -22.45 -7.23 -24.51
C29 BD3 G . -21.82 -9.56 -27.10
C28 BD3 G . -22.56 -9.57 -28.26
N27 BD3 G . -23.63 -8.78 -28.08
N26 BD3 G . -23.63 -8.33 -26.91
C14 BD3 G . -22.40 -10.02 -21.68
O11 BD3 G . -28.24 -11.89 -22.42
C10 BD3 G . -28.79 -12.96 -22.55
N9 BD3 G . -27.89 -13.95 -22.55
N8 BD3 G . -26.77 -13.39 -22.43
C1 BD3 H . -10.73 -24.98 22.13
C2 BD3 H . -9.59 -24.38 22.64
C3 BD3 H . -10.69 -26.30 21.70
C4 BD3 H . -8.41 -25.10 22.73
C5 BD3 H . -9.50 -27.01 21.78
C6 BD3 H . -8.36 -26.42 22.29
C7 BD3 H . -9.46 -28.40 21.32
C12 BD3 H . -7.88 -31.21 20.16
N13 BD3 H . -7.71 -32.26 21.17
C15 BD3 H . -12.46 -23.66 23.42
C17 BD3 H . -11.41 -24.79 25.43
C18 BD3 H . -11.47 -25.89 26.42
N22 BD3 H . -13.95 -21.77 22.79
C23 BD3 H . -15.17 -20.97 22.64
C24 BD3 H . -15.48 -20.69 21.16
C30 BD3 H . -9.00 -26.24 26.77
C31 BD3 H . -12.97 -28.46 28.57
C32 BD3 H . -14.27 -28.87 27.85
C33 BD3 H . -13.32 -27.86 29.95
C34 BD3 H . -12.13 -29.73 28.75
N25 BD3 H . -16.08 -19.57 20.82
C20 BD3 H . -13.84 -23.03 23.34
O21 BD3 H . -14.80 -23.64 23.78
N16 BD3 H . -12.42 -24.69 24.47
O19 BD3 H . -10.47 -24.01 25.42
C29 BD3 H . -12.59 -26.49 26.90
C28 BD3 H . -12.16 -27.48 27.76
N27 BD3 H . -10.82 -27.44 27.76
N26 BD3 H . -10.43 -26.54 26.99
C14 BD3 H . -12.05 -24.21 22.04
O11 BD3 H . -8.46 -28.98 20.97
C10 BD3 H . -8.81 -30.12 20.66
N9 BD3 H . -10.13 -30.30 20.81
N8 BD3 H . -10.54 -29.18 21.24
#